data_5VP1
#
_entry.id   5VP1
#
_cell.length_a   165.129
_cell.length_b   72.712
_cell.length_c   90.061
_cell.angle_alpha   90.000
_cell.angle_beta   109.150
_cell.angle_gamma   90.000
#
_symmetry.space_group_name_H-M   'C 1 2 1'
#
loop_
_entity.id
_entity.type
_entity.pdbx_description
1 polymer "cGMP-dependent 3',5'-cyclic phosphodiesterase"
2 non-polymer 'ZINC ION'
3 non-polymer 'MAGNESIUM ION'
4 non-polymer N-{(1S)-2-hydroxy-2-methyl-1-[4-(trifluoromethoxy)phenyl]propyl}-6-methyl-5-(3-methyl-1H-1,2,4-triazol-1-yl)pyrazolo[1,5-a]pyrimidine-3-carboxamide
5 water water
#
_entity_poly.entity_id   1
_entity_poly.type   'polypeptide(L)'
_entity_poly.pdbx_seq_one_letter_code
;GHASDDEYTKLLHDGIQPVAAIDSNFASFTYTPRSLPEDDTSMAILSMLQDMNFINNYKIDCPTLARFCLMVKKGYRDPP
YHNWMHAFSVSHFCYLLYKNLELTNYLEDIEIFALFISCMCHDLDHRGTNNSFQVASKSVLAALYSSEGSVMERHHFAQA
IAILNTHGCNIFDHFSRKDYQRMLDLMRDIILATDLAHHLRIFKDLQKMAEVGYDRNNKQHHRLLLCLLMTSCDLSDQTK
GWKTTRKIAELIYKEFFSQGDLEKAMGNRPMEMMDREKAYIPELQISFMEHIAMPIYKLLQDLFPKAAELYERVASNREH
WTKVSHKFTIRGLPSNNSLDFLDEE
;
_entity_poly.pdbx_strand_id   A,B,C
#
# COMPACT_ATOMS: atom_id res chain seq x y z
N ASP A 5 -23.70 0.77 -0.73
CA ASP A 5 -24.40 1.80 -1.58
C ASP A 5 -25.76 2.24 -1.03
N ASP A 6 -26.56 1.28 -0.55
CA ASP A 6 -27.88 1.53 0.03
C ASP A 6 -27.80 2.34 1.36
N GLU A 7 -26.99 1.85 2.30
CA GLU A 7 -26.67 2.60 3.52
C GLU A 7 -26.02 3.94 3.21
N TYR A 8 -25.15 3.97 2.19
CA TYR A 8 -24.53 5.22 1.72
C TYR A 8 -25.56 6.21 1.19
N THR A 9 -26.41 5.74 0.29
CA THR A 9 -27.48 6.54 -0.30
C THR A 9 -28.39 7.12 0.77
N LYS A 10 -28.79 6.32 1.75
CA LYS A 10 -29.62 6.79 2.87
C LYS A 10 -28.90 7.87 3.71
N LEU A 11 -27.61 7.66 4.01
CA LEU A 11 -26.80 8.64 4.79
C LEU A 11 -26.59 9.92 4.01
N LEU A 12 -26.42 9.78 2.70
CA LEU A 12 -26.07 10.90 1.83
C LEU A 12 -27.29 11.70 1.39
N HIS A 13 -28.46 11.05 1.27
CA HIS A 13 -29.67 11.73 0.75
C HIS A 13 -30.63 12.15 1.85
N ASP A 14 -30.49 11.59 3.05
CA ASP A 14 -30.91 12.27 4.28
C ASP A 14 -29.79 13.32 4.48
N GLY A 15 -30.12 14.62 4.58
CA GLY A 15 -29.09 15.68 4.77
C GLY A 15 -28.62 15.71 6.21
N ILE A 16 -27.59 16.51 6.55
CA ILE A 16 -27.07 16.48 7.93
C ILE A 16 -28.12 17.09 8.85
N GLN A 17 -28.84 16.21 9.54
CA GLN A 17 -29.87 16.57 10.50
C GLN A 17 -29.28 17.46 11.63
N PRO A 18 -29.95 18.58 12.00
CA PRO A 18 -29.49 19.33 13.18
C PRO A 18 -29.68 18.49 14.47
N VAL A 19 -28.77 18.62 15.44
CA VAL A 19 -28.81 17.71 16.62
C VAL A 19 -30.14 17.78 17.39
N ALA A 20 -30.73 18.97 17.48
CA ALA A 20 -32.01 19.16 18.16
C ALA A 20 -33.15 18.28 17.60
N ALA A 21 -33.11 18.02 16.28
CA ALA A 21 -34.10 17.16 15.63
C ALA A 21 -33.97 15.67 15.98
N ILE A 22 -32.81 15.23 16.46
CA ILE A 22 -32.61 13.85 16.91
C ILE A 22 -33.38 13.64 18.21
N ASP A 23 -33.13 14.53 19.17
CA ASP A 23 -33.79 14.53 20.47
C ASP A 23 -33.52 15.88 21.15
N SER A 24 -34.53 16.44 21.82
CA SER A 24 -34.36 17.71 22.54
C SER A 24 -33.36 17.61 23.71
N ASN A 25 -33.16 16.40 24.23
CA ASN A 25 -32.22 16.13 25.32
C ASN A 25 -30.89 15.51 24.83
N PHE A 26 -30.59 15.60 23.53
CA PHE A 26 -29.46 14.88 22.93
C PHE A 26 -28.09 15.28 23.46
N ALA A 27 -27.96 16.55 23.85
CA ALA A 27 -26.72 17.10 24.41
C ALA A 27 -26.65 17.06 25.95
N SER A 28 -27.57 16.32 26.59
CA SER A 28 -27.60 16.21 28.05
C SER A 28 -26.89 14.94 28.52
N PHE A 29 -26.22 15.05 29.66
CA PHE A 29 -25.67 13.88 30.36
C PHE A 29 -26.70 12.81 30.74
N THR A 30 -27.99 13.17 30.83
CA THR A 30 -29.05 12.19 31.11
C THR A 30 -29.46 11.36 29.88
N TYR A 31 -29.07 11.76 28.67
CA TYR A 31 -29.49 11.05 27.47
C TYR A 31 -28.76 9.73 27.33
N THR A 32 -29.48 8.68 26.93
CA THR A 32 -28.90 7.37 26.72
C THR A 32 -28.82 7.14 25.21
N PRO A 33 -27.60 7.23 24.63
CA PRO A 33 -27.47 7.05 23.17
C PRO A 33 -27.91 5.68 22.62
N ARG A 34 -27.92 4.65 23.46
CA ARG A 34 -28.46 3.33 23.06
C ARG A 34 -29.98 3.34 22.80
N SER A 35 -30.68 4.37 23.27
CA SER A 35 -32.10 4.60 22.89
C SER A 35 -32.29 4.93 21.41
N LEU A 36 -31.26 5.46 20.76
CA LEU A 36 -31.34 5.78 19.34
C LEU A 36 -31.25 4.48 18.54
N PRO A 37 -32.21 4.24 17.62
CA PRO A 37 -32.12 3.03 16.80
C PRO A 37 -30.82 2.99 15.98
N GLU A 38 -30.27 1.79 15.80
CA GLU A 38 -28.97 1.61 15.16
C GLU A 38 -28.88 2.21 13.75
N ASP A 39 -29.98 2.17 12.99
CA ASP A 39 -30.02 2.76 11.64
C ASP A 39 -29.97 4.30 11.59
N ASP A 40 -30.13 4.97 12.72
CA ASP A 40 -30.00 6.43 12.82
C ASP A 40 -28.64 6.90 13.37
N THR A 41 -27.79 5.98 13.81
CA THR A 41 -26.54 6.34 14.50
C THR A 41 -25.48 7.01 13.61
N SER A 42 -25.39 6.59 12.35
CA SER A 42 -24.44 7.19 11.41
C SER A 42 -24.78 8.65 11.12
N MET A 43 -26.07 8.93 10.95
CA MET A 43 -26.55 10.31 10.79
C MET A 43 -26.27 11.13 12.05
N ALA A 44 -26.48 10.52 13.23
CA ALA A 44 -26.17 11.18 14.50
C ALA A 44 -24.68 11.52 14.63
N ILE A 45 -23.80 10.62 14.19
CA ILE A 45 -22.37 10.89 14.15
C ILE A 45 -22.10 12.16 13.32
N LEU A 46 -22.67 12.21 12.12
CA LEU A 46 -22.53 13.40 11.25
C LEU A 46 -23.09 14.66 11.92
N SER A 47 -24.28 14.54 12.52
CA SER A 47 -24.88 15.67 13.24
C SER A 47 -23.98 16.20 14.38
N MET A 48 -23.32 15.29 15.09
CA MET A 48 -22.45 15.70 16.20
C MET A 48 -21.20 16.42 15.69
N LEU A 49 -20.57 15.86 14.66
CA LEU A 49 -19.43 16.53 14.00
C LEU A 49 -19.79 17.91 13.47
N GLN A 50 -20.97 18.04 12.88
CA GLN A 50 -21.48 19.34 12.42
C GLN A 50 -21.70 20.30 13.60
N ASP A 51 -22.30 19.81 14.69
CA ASP A 51 -22.59 20.65 15.86
C ASP A 51 -21.33 21.10 16.59
N MET A 52 -20.27 20.29 16.57
CA MET A 52 -18.95 20.69 17.07
C MET A 52 -18.15 21.55 16.06
N ASN A 53 -18.73 21.78 14.89
CA ASN A 53 -18.15 22.58 13.80
C ASN A 53 -16.90 22.01 13.15
N PHE A 54 -16.61 20.74 13.35
CA PHE A 54 -15.39 20.15 12.78
C PHE A 54 -15.43 20.00 11.25
N ILE A 55 -16.63 19.85 10.70
CA ILE A 55 -16.80 19.74 9.25
C ILE A 55 -16.35 21.03 8.56
N ASN A 56 -16.83 22.17 9.04
CA ASN A 56 -16.43 23.49 8.51
C ASN A 56 -15.01 23.89 8.92
N ASN A 57 -14.64 23.60 10.16
CA ASN A 57 -13.30 23.91 10.68
C ASN A 57 -12.22 23.27 9.81
N TYR A 58 -12.33 21.97 9.59
CA TYR A 58 -11.33 21.22 8.84
C TYR A 58 -11.68 20.99 7.38
N LYS A 59 -12.75 21.62 6.90
CA LYS A 59 -13.17 21.54 5.49
C LYS A 59 -13.28 20.08 5.03
N ILE A 60 -13.95 19.27 5.83
CA ILE A 60 -14.07 17.83 5.58
C ILE A 60 -15.05 17.66 4.43
N ASP A 61 -14.69 16.82 3.46
CA ASP A 61 -15.58 16.50 2.36
C ASP A 61 -16.71 15.62 2.91
N CYS A 62 -17.96 16.06 2.73
CA CYS A 62 -19.11 15.37 3.34
C CYS A 62 -19.34 13.95 2.82
N PRO A 63 -19.27 13.74 1.49
CA PRO A 63 -19.28 12.37 0.94
C PRO A 63 -18.20 11.44 1.52
N THR A 64 -16.98 11.96 1.67
CA THR A 64 -15.86 11.22 2.26
C THR A 64 -16.15 10.90 3.71
N LEU A 65 -16.68 11.87 4.45
CA LEU A 65 -17.04 11.65 5.85
C LEU A 65 -18.14 10.61 5.99
N ALA A 66 -19.14 10.63 5.12
CA ALA A 66 -20.21 9.64 5.15
C ALA A 66 -19.66 8.25 4.91
N ARG A 67 -18.83 8.11 3.88
CA ARG A 67 -18.16 6.85 3.58
C ARG A 67 -17.29 6.38 4.72
N PHE A 68 -16.53 7.30 5.31
CA PHE A 68 -15.70 6.97 6.48
C PHE A 68 -16.54 6.40 7.63
N CYS A 69 -17.61 7.13 7.98
CA CYS A 69 -18.48 6.73 9.11
C CYS A 69 -19.09 5.34 8.90
N LEU A 70 -19.57 5.08 7.68
CA LEU A 70 -20.16 3.76 7.36
C LEU A 70 -19.12 2.64 7.37
N MET A 71 -17.91 2.94 6.91
CA MET A 71 -16.81 1.97 6.99
C MET A 71 -16.43 1.64 8.43
N VAL A 72 -16.40 2.65 9.29
CA VAL A 72 -16.10 2.45 10.70
C VAL A 72 -17.19 1.57 11.34
N LYS A 73 -18.44 1.93 11.10
CA LYS A 73 -19.59 1.11 11.54
C LYS A 73 -19.48 -0.35 11.07
N LYS A 74 -19.20 -0.54 9.79
CA LYS A 74 -18.98 -1.89 9.22
C LYS A 74 -17.80 -2.66 9.81
N GLY A 75 -16.82 -1.94 10.35
CA GLY A 75 -15.62 -2.54 10.94
C GLY A 75 -15.79 -3.09 12.35
N TYR A 76 -16.97 -2.87 12.95
CA TYR A 76 -17.34 -3.55 14.20
C TYR A 76 -18.04 -4.88 13.91
N ARG A 77 -17.67 -5.90 14.68
CA ARG A 77 -18.34 -7.19 14.66
C ARG A 77 -19.53 -7.11 15.61
N ASP A 78 -20.18 -8.23 15.89
CA ASP A 78 -21.38 -8.23 16.74
C ASP A 78 -21.27 -9.13 17.99
N PRO A 79 -20.19 -8.96 18.79
CA PRO A 79 -20.22 -9.62 20.10
C PRO A 79 -21.21 -8.87 21.00
N PRO A 80 -21.50 -9.41 22.19
CA PRO A 80 -22.54 -8.80 22.99
C PRO A 80 -22.32 -7.33 23.38
N TYR A 81 -21.10 -6.96 23.75
CA TYR A 81 -20.81 -5.58 24.17
C TYR A 81 -20.00 -4.78 23.15
N HIS A 82 -18.88 -5.33 22.68
CA HIS A 82 -17.94 -4.57 21.86
C HIS A 82 -18.33 -4.50 20.40
N ASN A 83 -19.46 -3.85 20.17
CA ASN A 83 -20.09 -3.73 18.85
C ASN A 83 -20.20 -2.24 18.52
N TRP A 84 -20.75 -1.93 17.35
CA TRP A 84 -20.91 -0.55 16.90
C TRP A 84 -21.65 0.31 17.92
N MET A 85 -22.71 -0.22 18.53
CA MET A 85 -23.49 0.57 19.50
C MET A 85 -22.65 0.98 20.71
N HIS A 86 -21.63 0.20 21.07
CA HIS A 86 -20.66 0.66 22.07
C HIS A 86 -19.84 1.85 21.54
N ALA A 87 -19.27 1.71 20.35
CA ALA A 87 -18.49 2.79 19.74
C ALA A 87 -19.31 4.07 19.58
N PHE A 88 -20.56 3.94 19.12
CA PHE A 88 -21.46 5.06 19.00
C PHE A 88 -21.72 5.73 20.36
N SER A 89 -22.04 4.93 21.37
CA SER A 89 -22.29 5.46 22.74
C SER A 89 -21.07 6.17 23.34
N VAL A 90 -19.88 5.64 23.08
CA VAL A 90 -18.61 6.25 23.52
C VAL A 90 -18.36 7.59 22.81
N SER A 91 -18.59 7.64 21.50
CA SER A 91 -18.50 8.86 20.71
C SER A 91 -19.53 9.88 21.16
N HIS A 92 -20.74 9.43 21.45
CA HIS A 92 -21.77 10.34 21.96
C HIS A 92 -21.33 10.98 23.26
N PHE A 93 -20.74 10.21 24.16
CA PHE A 93 -20.25 10.78 25.41
C PHE A 93 -19.16 11.82 25.20
N CYS A 94 -18.25 11.57 24.25
CA CYS A 94 -17.24 12.56 23.87
C CYS A 94 -17.89 13.88 23.45
N TYR A 95 -18.92 13.78 22.62
CA TYR A 95 -19.74 14.92 22.26
C TYR A 95 -20.37 15.62 23.48
N LEU A 96 -20.89 14.84 24.44
CA LEU A 96 -21.44 15.42 25.67
C LEU A 96 -20.40 16.19 26.48
N LEU A 97 -19.17 15.66 26.54
CA LEU A 97 -18.08 16.33 27.25
C LEU A 97 -17.75 17.65 26.58
N TYR A 98 -17.72 17.64 25.24
CA TYR A 98 -17.56 18.87 24.48
C TYR A 98 -18.68 19.89 24.80
N LYS A 99 -19.93 19.45 24.76
CA LYS A 99 -21.07 20.35 24.95
C LYS A 99 -21.24 20.86 26.37
N ASN A 100 -20.84 20.05 27.36
CA ASN A 100 -21.12 20.35 28.77
C ASN A 100 -19.93 20.86 29.57
N LEU A 101 -18.71 20.47 29.20
CA LEU A 101 -17.50 20.86 29.94
C LEU A 101 -16.66 21.96 29.28
N GLU A 102 -17.02 22.38 28.06
CA GLU A 102 -16.32 23.46 27.37
C GLU A 102 -14.84 23.09 27.21
N LEU A 103 -14.62 21.98 26.51
CA LEU A 103 -13.29 21.43 26.27
C LEU A 103 -12.37 22.37 25.49
N THR A 104 -12.94 23.31 24.72
CA THR A 104 -12.16 24.33 24.01
C THR A 104 -11.32 25.26 24.90
N ASN A 105 -11.66 25.37 26.20
CA ASN A 105 -10.81 26.06 27.18
C ASN A 105 -9.57 25.27 27.63
N TYR A 106 -9.51 23.99 27.30
CA TYR A 106 -8.46 23.07 27.77
C TYR A 106 -7.63 22.47 26.64
N LEU A 107 -8.26 22.15 25.52
CA LEU A 107 -7.64 21.39 24.44
C LEU A 107 -7.75 22.13 23.12
N GLU A 108 -6.81 21.84 22.22
CA GLU A 108 -6.85 22.38 20.87
C GLU A 108 -7.95 21.70 20.07
N ASP A 109 -8.47 22.41 19.07
CA ASP A 109 -9.53 21.87 18.21
C ASP A 109 -9.15 20.55 17.56
N ILE A 110 -7.90 20.44 17.10
CA ILE A 110 -7.43 19.19 16.50
C ILE A 110 -7.36 18.03 17.51
N GLU A 111 -7.07 18.33 18.77
CA GLU A 111 -7.06 17.32 19.83
C GLU A 111 -8.47 16.80 20.14
N ILE A 112 -9.45 17.70 20.19
CA ILE A 112 -10.84 17.30 20.44
C ILE A 112 -11.38 16.52 19.25
N PHE A 113 -11.01 16.94 18.04
CA PHE A 113 -11.42 16.24 16.82
C PHE A 113 -10.84 14.83 16.81
N ALA A 114 -9.55 14.71 17.13
CA ALA A 114 -8.88 13.41 17.25
C ALA A 114 -9.55 12.51 18.29
N LEU A 115 -9.92 13.08 19.43
CA LEU A 115 -10.62 12.34 20.48
C LEU A 115 -11.93 11.73 19.98
N PHE A 116 -12.75 12.53 19.31
CA PHE A 116 -14.03 12.04 18.79
C PHE A 116 -13.84 10.93 17.75
N ILE A 117 -12.93 11.15 16.80
CA ILE A 117 -12.64 10.14 15.77
C ILE A 117 -12.06 8.91 16.43
N SER A 118 -11.23 9.09 17.46
CA SER A 118 -10.68 7.94 18.20
C SER A 118 -11.79 7.15 18.89
N CYS A 119 -12.75 7.84 19.50
CA CYS A 119 -13.92 7.19 20.11
C CYS A 119 -14.66 6.28 19.13
N MET A 120 -14.90 6.78 17.92
CA MET A 120 -15.55 6.00 16.86
C MET A 120 -14.78 4.72 16.52
N CYS A 121 -13.45 4.84 16.47
CA CYS A 121 -12.56 3.78 15.98
C CYS A 121 -11.95 2.86 17.06
N HIS A 122 -12.15 3.20 18.34
CA HIS A 122 -11.25 2.69 19.39
C HIS A 122 -11.36 1.20 19.69
N ASP A 123 -12.44 0.54 19.28
CA ASP A 123 -12.63 -0.91 19.44
C ASP A 123 -12.87 -1.63 18.11
N LEU A 124 -12.40 -1.05 17.00
CA LEU A 124 -12.65 -1.62 15.66
C LEU A 124 -12.20 -3.07 15.59
N ASP A 125 -13.08 -3.92 15.05
CA ASP A 125 -12.82 -5.36 14.87
C ASP A 125 -12.58 -6.12 16.19
N HIS A 126 -13.15 -5.62 17.29
CA HIS A 126 -13.12 -6.36 18.55
C HIS A 126 -13.87 -7.69 18.37
N ARG A 127 -13.35 -8.76 18.98
CA ARG A 127 -13.92 -10.12 18.82
C ARG A 127 -14.60 -10.64 20.10
N GLY A 128 -14.94 -9.74 21.00
CA GLY A 128 -15.33 -10.08 22.36
C GLY A 128 -14.32 -10.77 23.27
N THR A 129 -13.03 -10.63 22.97
CA THR A 129 -11.99 -11.21 23.80
C THR A 129 -10.98 -10.12 24.16
N ASN A 130 -10.27 -10.32 25.29
CA ASN A 130 -9.34 -9.30 25.81
C ASN A 130 -7.89 -9.56 25.32
N ASN A 131 -6.95 -8.74 25.78
CA ASN A 131 -5.56 -8.84 25.34
C ASN A 131 -4.90 -10.16 25.73
N SER A 132 -5.14 -10.57 26.97
CA SER A 132 -4.66 -11.86 27.48
C SER A 132 -5.08 -13.03 26.61
N PHE A 133 -6.32 -13.03 26.14
CA PHE A 133 -6.83 -14.13 25.32
C PHE A 133 -6.09 -14.27 24.00
N GLN A 134 -5.72 -13.14 23.39
CA GLN A 134 -4.99 -13.14 22.12
C GLN A 134 -3.71 -13.93 22.23
N VAL A 135 -2.96 -13.67 23.30
CA VAL A 135 -1.72 -14.38 23.57
C VAL A 135 -2.01 -15.86 23.83
N ALA A 136 -2.96 -16.14 24.72
CA ALA A 136 -3.31 -17.52 25.10
C ALA A 136 -3.79 -18.34 23.91
N SER A 137 -4.64 -17.75 23.06
CA SER A 137 -5.15 -18.42 21.86
C SER A 137 -4.20 -18.38 20.65
N LYS A 138 -3.06 -17.68 20.79
CA LYS A 138 -2.07 -17.53 19.73
C LYS A 138 -2.72 -17.05 18.44
N SER A 139 -3.48 -15.96 18.57
CA SER A 139 -4.19 -15.40 17.43
C SER A 139 -3.20 -14.64 16.54
N VAL A 140 -3.66 -14.28 15.36
CA VAL A 140 -2.89 -13.46 14.42
C VAL A 140 -2.51 -12.11 15.08
N LEU A 141 -3.42 -11.56 15.87
CA LEU A 141 -3.18 -10.30 16.57
C LEU A 141 -2.04 -10.40 17.59
N ALA A 142 -1.97 -11.53 18.31
CA ALA A 142 -0.82 -11.80 19.21
C ALA A 142 0.51 -11.85 18.46
N ALA A 143 0.54 -12.55 17.33
CA ALA A 143 1.76 -12.70 16.55
C ALA A 143 2.28 -11.33 16.13
N LEU A 144 1.36 -10.47 15.70
CA LEU A 144 1.68 -9.11 15.28
C LEU A 144 2.07 -8.16 16.41
N TYR A 145 1.37 -8.23 17.55
CA TYR A 145 1.44 -7.17 18.56
C TYR A 145 1.83 -7.56 19.99
N SER A 146 1.99 -8.84 20.30
CA SER A 146 2.20 -9.28 21.68
C SER A 146 3.50 -8.78 22.31
N SER A 147 4.57 -8.71 21.53
CA SER A 147 5.84 -8.17 22.04
C SER A 147 5.76 -6.68 22.41
N GLU A 148 4.79 -5.96 21.84
CA GLU A 148 4.58 -4.52 22.06
C GLU A 148 3.58 -4.16 23.19
N GLY A 149 2.75 -5.11 23.64
CA GLY A 149 1.69 -4.85 24.63
C GLY A 149 0.48 -4.22 23.97
N SER A 150 -0.61 -4.06 24.71
CA SER A 150 -1.87 -3.48 24.21
C SER A 150 -2.28 -4.06 22.85
N VAL A 151 -2.35 -5.39 22.78
CA VAL A 151 -2.57 -6.12 21.53
C VAL A 151 -3.80 -5.64 20.78
N MET A 152 -4.95 -5.66 21.42
CA MET A 152 -6.19 -5.26 20.76
C MET A 152 -6.18 -3.79 20.37
N GLU A 153 -5.59 -2.95 21.21
CA GLU A 153 -5.64 -1.50 20.99
C GLU A 153 -4.76 -1.11 19.79
N ARG A 154 -3.63 -1.79 19.64
CA ARG A 154 -2.79 -1.64 18.45
C ARG A 154 -3.53 -2.10 17.18
N HIS A 155 -4.27 -3.19 17.29
CA HIS A 155 -5.13 -3.65 16.20
C HIS A 155 -6.24 -2.63 15.85
N HIS A 156 -6.90 -2.09 16.86
CA HIS A 156 -7.96 -1.11 16.61
C HIS A 156 -7.41 0.08 15.83
N PHE A 157 -6.23 0.56 16.24
CA PHE A 157 -5.56 1.63 15.55
C PHE A 157 -5.20 1.24 14.11
N ALA A 158 -4.61 0.06 13.93
CA ALA A 158 -4.28 -0.42 12.58
C ALA A 158 -5.50 -0.52 11.66
N GLN A 159 -6.63 -0.96 12.22
CA GLN A 159 -7.90 -1.00 11.49
C GLN A 159 -8.34 0.40 11.06
N ALA A 160 -8.22 1.37 11.97
CA ALA A 160 -8.57 2.76 11.67
C ALA A 160 -7.72 3.31 10.52
N ILE A 161 -6.42 3.02 10.56
CA ILE A 161 -5.48 3.39 9.48
C ILE A 161 -5.89 2.78 8.14
N ALA A 162 -6.24 1.49 8.15
CA ALA A 162 -6.69 0.78 6.95
C ALA A 162 -7.95 1.40 6.34
N ILE A 163 -8.88 1.84 7.20
CA ILE A 163 -10.07 2.54 6.73
C ILE A 163 -9.69 3.87 6.07
N LEU A 164 -8.86 4.67 6.74
CA LEU A 164 -8.41 5.95 6.19
C LEU A 164 -7.73 5.80 4.83
N ASN A 165 -6.99 4.71 4.65
CA ASN A 165 -6.31 4.44 3.39
C ASN A 165 -7.14 3.59 2.41
N THR A 166 -8.43 3.41 2.69
CA THR A 166 -9.37 2.85 1.74
C THR A 166 -9.85 4.00 0.85
N HIS A 167 -9.87 3.77 -0.46
CA HIS A 167 -10.26 4.80 -1.43
C HIS A 167 -11.63 5.39 -1.11
N GLY A 168 -11.69 6.72 -1.09
CA GLY A 168 -12.93 7.44 -0.82
C GLY A 168 -13.23 7.71 0.65
N CYS A 169 -12.39 7.22 1.57
CA CYS A 169 -12.65 7.29 3.01
C CYS A 169 -11.64 8.11 3.79
N ASN A 170 -10.67 8.74 3.12
CA ASN A 170 -9.67 9.52 3.87
C ASN A 170 -10.20 10.91 4.16
N ILE A 171 -10.83 11.05 5.32
CA ILE A 171 -11.32 12.35 5.77
C ILE A 171 -10.21 13.39 6.03
N PHE A 172 -8.96 12.94 6.15
CA PHE A 172 -7.84 13.83 6.41
C PHE A 172 -6.95 14.08 5.18
N ASP A 173 -7.37 13.66 3.98
CA ASP A 173 -6.46 13.71 2.81
C ASP A 173 -6.16 15.13 2.29
N HIS A 174 -6.95 16.12 2.73
CA HIS A 174 -6.71 17.54 2.47
C HIS A 174 -6.00 18.26 3.65
N PHE A 175 -5.71 17.55 4.73
CA PHE A 175 -4.90 18.10 5.84
C PHE A 175 -3.49 18.43 5.37
N SER A 176 -2.89 19.43 6.00
CA SER A 176 -1.47 19.68 5.82
C SER A 176 -0.68 18.48 6.33
N ARG A 177 0.54 18.33 5.82
CA ARG A 177 1.47 17.29 6.25
C ARG A 177 1.64 17.28 7.79
N LYS A 178 1.79 18.48 8.36
CA LYS A 178 1.92 18.68 9.80
C LYS A 178 0.65 18.21 10.55
N ASP A 179 -0.51 18.70 10.11
CA ASP A 179 -1.78 18.31 10.74
C ASP A 179 -2.14 16.84 10.54
N TYR A 180 -1.76 16.27 9.39
CA TYR A 180 -1.99 14.84 9.12
C TYR A 180 -1.25 13.96 10.10
N GLN A 181 0.06 14.22 10.28
CA GLN A 181 0.83 13.47 11.26
C GLN A 181 0.36 13.65 12.68
N ARG A 182 0.03 14.89 13.03
CA ARG A 182 -0.54 15.19 14.34
C ARG A 182 -1.78 14.32 14.61
N MET A 183 -2.69 14.27 13.64
CA MET A 183 -3.93 13.52 13.74
C MET A 183 -3.66 12.02 13.93
N LEU A 184 -2.75 11.48 13.12
CA LEU A 184 -2.36 10.06 13.26
C LEU A 184 -1.70 9.77 14.62
N ASP A 185 -0.81 10.64 15.07
CA ASP A 185 -0.20 10.50 16.40
C ASP A 185 -1.21 10.58 17.55
N LEU A 186 -2.14 11.52 17.45
CA LEU A 186 -3.20 11.66 18.46
C LEU A 186 -4.08 10.42 18.51
N MET A 187 -4.51 9.96 17.34
CA MET A 187 -5.36 8.78 17.27
C MET A 187 -4.68 7.55 17.87
N ARG A 188 -3.39 7.37 17.58
CA ARG A 188 -2.65 6.25 18.14
C ARG A 188 -2.58 6.32 19.67
N ASP A 189 -2.18 7.48 20.19
CA ASP A 189 -2.05 7.68 21.64
C ASP A 189 -3.39 7.55 22.37
N ILE A 190 -4.45 8.08 21.78
CA ILE A 190 -5.77 8.06 22.42
C ILE A 190 -6.32 6.62 22.42
N ILE A 191 -6.22 5.93 21.29
CA ILE A 191 -6.68 4.53 21.22
C ILE A 191 -5.87 3.64 22.17
N LEU A 192 -4.56 3.84 22.24
CA LEU A 192 -3.73 3.12 23.21
C LEU A 192 -4.07 3.40 24.69
N ALA A 193 -4.60 4.58 24.97
CA ALA A 193 -5.07 4.94 26.31
C ALA A 193 -6.30 4.17 26.79
N THR A 194 -7.00 3.48 25.88
CA THR A 194 -8.16 2.66 26.24
C THR A 194 -7.78 1.29 26.84
N ASP A 195 -6.49 0.96 26.85
CA ASP A 195 -6.01 -0.22 27.58
C ASP A 195 -5.96 0.13 29.06
N LEU A 196 -6.66 -0.65 29.90
CA LEU A 196 -6.62 -0.44 31.36
C LEU A 196 -5.20 -0.42 31.91
N ALA A 197 -4.32 -1.25 31.35
CA ALA A 197 -2.92 -1.28 31.76
C ALA A 197 -2.24 0.10 31.62
N HIS A 198 -2.53 0.78 30.52
CA HIS A 198 -2.01 2.13 30.25
C HIS A 198 -2.54 3.11 31.29
N HIS A 199 -3.85 3.09 31.50
CA HIS A 199 -4.49 3.95 32.50
C HIS A 199 -3.88 3.79 33.89
N LEU A 200 -3.61 2.54 34.28
CA LEU A 200 -3.02 2.26 35.58
C LEU A 200 -1.58 2.75 35.69
N ARG A 201 -0.83 2.69 34.58
CA ARG A 201 0.51 3.26 34.54
C ARG A 201 0.52 4.79 34.73
N ILE A 202 -0.41 5.48 34.08
CA ILE A 202 -0.45 6.97 34.11
C ILE A 202 -1.28 7.54 35.27
N PHE A 203 -1.87 6.68 36.10
CA PHE A 203 -2.81 7.11 37.12
C PHE A 203 -2.24 8.13 38.11
N LYS A 204 -1.01 7.89 38.58
CA LYS A 204 -0.33 8.85 39.46
C LYS A 204 -0.09 10.21 38.80
N ASP A 205 0.21 10.20 37.50
CA ASP A 205 0.37 11.45 36.72
C ASP A 205 -0.96 12.19 36.60
N LEU A 206 -2.05 11.44 36.40
CA LEU A 206 -3.40 12.02 36.36
C LEU A 206 -3.80 12.66 37.69
N GLN A 207 -3.55 11.95 38.80
CA GLN A 207 -3.81 12.48 40.14
C GLN A 207 -3.04 13.77 40.43
N LYS A 208 -1.76 13.78 40.04
CA LYS A 208 -0.89 14.94 40.18
C LYS A 208 -1.48 16.15 39.46
N MET A 209 -1.82 15.95 38.17
CA MET A 209 -2.42 17.01 37.33
C MET A 209 -3.71 17.55 37.94
N ALA A 210 -4.60 16.63 38.34
CA ALA A 210 -5.85 17.00 39.01
C ALA A 210 -5.64 17.83 40.26
N GLU A 211 -4.68 17.42 41.08
CA GLU A 211 -4.35 18.20 42.25
C GLU A 211 -3.71 19.57 42.00
N VAL A 212 -2.64 19.64 41.20
CA VAL A 212 -1.96 20.93 40.93
C VAL A 212 -2.79 21.88 40.07
N GLY A 213 -3.67 21.30 39.25
CA GLY A 213 -4.54 22.05 38.36
C GLY A 213 -4.06 21.90 36.93
N TYR A 214 -5.01 21.88 36.00
CA TYR A 214 -4.69 21.84 34.57
C TYR A 214 -4.02 23.14 34.12
N ASP A 215 -3.08 22.98 33.20
CA ASP A 215 -2.25 24.05 32.70
C ASP A 215 -2.32 23.89 31.20
N ARG A 216 -3.04 24.79 30.54
CA ARG A 216 -3.23 24.73 29.10
C ARG A 216 -1.93 24.91 28.30
N ASN A 217 -0.89 25.47 28.91
CA ASN A 217 0.43 25.61 28.26
C ASN A 217 1.38 24.42 28.47
N ASN A 218 0.92 23.40 29.22
CA ASN A 218 1.71 22.21 29.50
C ASN A 218 1.27 21.09 28.56
N LYS A 219 2.15 20.71 27.64
CA LYS A 219 1.78 19.73 26.60
C LYS A 219 1.53 18.32 27.16
N GLN A 220 2.23 17.97 28.23
CA GLN A 220 1.96 16.72 28.96
C GLN A 220 0.56 16.69 29.56
N HIS A 221 0.09 17.83 30.08
CA HIS A 221 -1.27 17.94 30.60
C HIS A 221 -2.31 17.71 29.50
N HIS A 222 -2.08 18.24 28.30
CA HIS A 222 -2.94 17.95 27.15
C HIS A 222 -3.02 16.45 26.89
N ARG A 223 -1.85 15.80 26.84
CA ARG A 223 -1.76 14.36 26.59
C ARG A 223 -2.48 13.53 27.68
N LEU A 224 -2.21 13.86 28.94
CA LEU A 224 -2.86 13.19 30.07
C LEU A 224 -4.36 13.41 30.10
N LEU A 225 -4.81 14.65 29.82
CA LEU A 225 -6.24 14.94 29.77
C LEU A 225 -6.95 14.14 28.68
N LEU A 226 -6.35 14.04 27.50
CA LEU A 226 -6.94 13.26 26.41
C LEU A 226 -7.12 11.78 26.80
N CYS A 227 -6.10 11.22 27.46
CA CYS A 227 -6.18 9.85 27.99
C CYS A 227 -7.35 9.71 28.98
N LEU A 228 -7.42 10.61 29.96
CA LEU A 228 -8.50 10.60 30.95
C LEU A 228 -9.88 10.71 30.29
N LEU A 229 -10.02 11.68 29.37
CA LEU A 229 -11.29 11.85 28.66
C LEU A 229 -11.68 10.61 27.87
N MET A 230 -10.72 10.00 27.17
CA MET A 230 -11.00 8.76 26.41
C MET A 230 -11.51 7.65 27.33
N THR A 231 -10.85 7.44 28.46
CA THR A 231 -11.29 6.41 29.43
C THR A 231 -12.66 6.75 30.03
N SER A 232 -12.94 8.04 30.22
CA SER A 232 -14.22 8.54 30.75
C SER A 232 -15.33 8.21 29.73
N CYS A 233 -15.01 8.30 28.44
CA CYS A 233 -15.94 7.94 27.38
C CYS A 233 -16.15 6.43 27.28
N ASP A 234 -15.06 5.68 27.40
CA ASP A 234 -15.11 4.21 27.30
C ASP A 234 -16.02 3.59 28.38
N LEU A 235 -16.00 4.16 29.60
CA LEU A 235 -16.79 3.67 30.74
C LEU A 235 -18.10 4.42 30.97
N SER A 236 -18.52 5.25 30.01
CA SER A 236 -19.67 6.15 30.21
C SER A 236 -21.03 5.47 30.44
N ASP A 237 -21.16 4.19 30.11
CA ASP A 237 -22.38 3.44 30.48
C ASP A 237 -22.63 3.41 32.00
N GLN A 238 -21.57 3.58 32.78
CA GLN A 238 -21.68 3.65 34.24
C GLN A 238 -22.22 4.98 34.77
N THR A 239 -22.31 6.00 33.92
CA THR A 239 -22.78 7.34 34.30
C THR A 239 -24.26 7.61 34.00
N LYS A 240 -24.96 6.61 33.47
CA LYS A 240 -26.38 6.75 33.12
C LYS A 240 -27.23 6.22 34.29
N GLY A 241 -28.47 5.79 34.03
CA GLY A 241 -29.33 5.22 35.07
C GLY A 241 -29.03 3.76 35.34
N TRP A 242 -29.75 3.21 36.31
CA TRP A 242 -29.63 1.79 36.70
C TRP A 242 -29.85 0.84 35.52
N LYS A 243 -30.87 1.12 34.72
CA LYS A 243 -31.21 0.30 33.55
C LYS A 243 -30.03 0.06 32.61
N THR A 244 -29.26 1.11 32.35
CA THR A 244 -28.11 1.04 31.48
C THR A 244 -26.98 0.22 32.11
N THR A 245 -26.59 0.56 33.33
CA THR A 245 -25.52 -0.19 34.01
C THR A 245 -25.87 -1.67 34.14
N ARG A 246 -27.11 -1.97 34.47
CA ARG A 246 -27.58 -3.36 34.59
C ARG A 246 -27.52 -4.08 33.24
N LYS A 247 -28.09 -3.46 32.21
CA LYS A 247 -28.10 -4.06 30.88
C LYS A 247 -26.70 -4.22 30.29
N ILE A 248 -25.84 -3.21 30.47
CA ILE A 248 -24.46 -3.30 29.99
C ILE A 248 -23.69 -4.36 30.74
N ALA A 249 -23.90 -4.48 32.05
CA ALA A 249 -23.30 -5.56 32.85
C ALA A 249 -23.62 -6.91 32.23
N GLU A 250 -24.90 -7.13 31.91
CA GLU A 250 -25.33 -8.35 31.21
C GLU A 250 -24.50 -8.64 29.94
N LEU A 251 -24.31 -7.62 29.11
CA LEU A 251 -23.57 -7.78 27.85
C LEU A 251 -22.10 -8.06 28.13
N ILE A 252 -21.54 -7.32 29.09
CA ILE A 252 -20.14 -7.47 29.50
C ILE A 252 -19.88 -8.88 30.01
N TYR A 253 -20.68 -9.35 30.96
CA TYR A 253 -20.45 -10.69 31.53
C TYR A 253 -20.67 -11.80 30.51
N LYS A 254 -21.63 -11.63 29.61
CA LYS A 254 -21.81 -12.59 28.52
C LYS A 254 -20.54 -12.73 27.70
N GLU A 255 -19.92 -11.59 27.40
CA GLU A 255 -18.67 -11.57 26.65
C GLU A 255 -17.55 -12.25 27.45
N PHE A 256 -17.39 -11.84 28.71
CA PHE A 256 -16.36 -12.39 29.60
C PHE A 256 -16.47 -13.92 29.73
N PHE A 257 -17.68 -14.40 29.97
CA PHE A 257 -17.88 -15.84 30.20
C PHE A 257 -17.74 -16.64 28.91
N SER A 258 -18.12 -16.06 27.78
CA SER A 258 -17.85 -16.67 26.47
C SER A 258 -16.35 -16.90 26.27
N GLN A 259 -15.54 -15.91 26.66
CA GLN A 259 -14.10 -16.03 26.58
C GLN A 259 -13.57 -17.15 27.49
N GLY A 260 -14.04 -17.18 28.73
CA GLY A 260 -13.66 -18.21 29.69
C GLY A 260 -13.98 -19.62 29.20
N ASP A 261 -15.15 -19.77 28.59
CA ASP A 261 -15.53 -21.04 27.95
C ASP A 261 -14.52 -21.46 26.86
N LEU A 262 -14.10 -20.51 26.03
CA LEU A 262 -13.08 -20.78 25.00
C LEU A 262 -11.76 -21.20 25.64
N GLU A 263 -11.36 -20.48 26.69
CA GLU A 263 -10.10 -20.77 27.38
C GLU A 263 -10.09 -22.18 27.99
N LYS A 264 -11.20 -22.55 28.63
CA LYS A 264 -11.40 -23.91 29.14
C LYS A 264 -11.30 -24.96 28.03
N ALA A 265 -11.95 -24.72 26.91
CA ALA A 265 -11.89 -25.62 25.75
C ALA A 265 -10.47 -25.79 25.18
N MET A 266 -9.66 -24.74 25.29
CA MET A 266 -8.23 -24.78 24.92
C MET A 266 -7.34 -25.44 25.98
N GLY A 267 -7.89 -25.75 27.16
CA GLY A 267 -7.14 -26.40 28.23
C GLY A 267 -6.55 -25.45 29.27
N ASN A 268 -6.73 -24.14 29.07
CA ASN A 268 -6.16 -23.13 29.96
C ASN A 268 -7.11 -22.79 31.10
N ARG A 269 -6.56 -22.15 32.11
CA ARG A 269 -7.30 -21.73 33.31
C ARG A 269 -7.69 -20.26 33.17
N PRO A 270 -9.00 -19.96 33.02
CA PRO A 270 -9.40 -18.55 32.91
C PRO A 270 -9.40 -17.86 34.27
N MET A 271 -9.17 -16.54 34.26
CA MET A 271 -9.36 -15.70 35.46
C MET A 271 -10.76 -15.88 36.02
N GLU A 272 -10.92 -15.71 37.34
CA GLU A 272 -12.22 -15.90 37.98
C GLU A 272 -13.32 -15.06 37.31
N MET A 273 -13.01 -13.84 36.90
CA MET A 273 -14.03 -12.97 36.26
C MET A 273 -14.45 -13.44 34.86
N MET A 274 -13.66 -14.30 34.22
CA MET A 274 -14.03 -14.92 32.94
C MET A 274 -14.71 -16.30 33.09
N ASP A 275 -14.72 -16.85 34.30
CA ASP A 275 -15.20 -18.22 34.56
C ASP A 275 -16.61 -18.14 35.13
N ARG A 276 -17.60 -18.52 34.34
CA ARG A 276 -19.01 -18.49 34.77
C ARG A 276 -19.34 -19.36 35.99
N GLU A 277 -18.48 -20.34 36.28
CA GLU A 277 -18.66 -21.19 37.46
C GLU A 277 -18.00 -20.62 38.73
N LYS A 278 -17.16 -19.60 38.59
CA LYS A 278 -16.50 -18.94 39.72
C LYS A 278 -16.85 -17.47 39.93
N ALA A 279 -17.12 -16.75 38.84
CA ALA A 279 -17.42 -15.32 38.88
C ALA A 279 -18.63 -15.04 39.77
N TYR A 280 -18.48 -14.12 40.71
CA TYR A 280 -19.59 -13.64 41.53
C TYR A 280 -19.81 -12.19 41.15
N ILE A 281 -20.83 -11.94 40.32
CA ILE A 281 -21.03 -10.66 39.67
C ILE A 281 -21.07 -9.45 40.62
N PRO A 282 -21.79 -9.54 41.75
CA PRO A 282 -21.79 -8.38 42.66
C PRO A 282 -20.39 -7.90 43.09
N GLU A 283 -19.57 -8.84 43.54
CA GLU A 283 -18.19 -8.55 43.96
C GLU A 283 -17.36 -7.95 42.80
N LEU A 284 -17.43 -8.57 41.63
CA LEU A 284 -16.69 -8.10 40.46
C LEU A 284 -17.13 -6.71 40.03
N GLN A 285 -18.44 -6.52 39.96
CA GLN A 285 -19.04 -5.28 39.51
C GLN A 285 -18.72 -4.14 40.47
N ILE A 286 -18.91 -4.37 41.76
CA ILE A 286 -18.63 -3.37 42.80
C ILE A 286 -17.14 -2.99 42.83
N SER A 287 -16.23 -3.98 42.71
CA SER A 287 -14.80 -3.69 42.67
C SER A 287 -14.43 -2.85 41.45
N PHE A 288 -14.94 -3.24 40.27
CA PHE A 288 -14.73 -2.50 39.03
C PHE A 288 -15.20 -1.06 39.21
N MET A 289 -16.38 -0.89 39.80
CA MET A 289 -16.92 0.45 39.98
C MET A 289 -16.16 1.28 41.01
N GLU A 290 -15.80 0.69 42.14
CA GLU A 290 -15.04 1.39 43.19
C GLU A 290 -13.61 1.72 42.82
N HIS A 291 -12.93 0.77 42.17
CA HIS A 291 -11.48 0.85 41.97
C HIS A 291 -11.02 1.22 40.57
N ILE A 292 -11.91 1.15 39.57
CA ILE A 292 -11.58 1.53 38.20
C ILE A 292 -12.46 2.70 37.76
N ALA A 293 -13.79 2.51 37.71
CA ALA A 293 -14.68 3.54 37.17
C ALA A 293 -14.74 4.82 38.03
N MET A 294 -15.04 4.69 39.32
CA MET A 294 -15.24 5.88 40.18
C MET A 294 -14.04 6.82 40.25
N PRO A 295 -12.80 6.29 40.37
CA PRO A 295 -11.64 7.18 40.39
C PRO A 295 -11.43 7.97 39.09
N ILE A 296 -11.78 7.39 37.95
CA ILE A 296 -11.75 8.11 36.66
C ILE A 296 -12.70 9.33 36.72
N TYR A 297 -13.95 9.10 37.15
CA TYR A 297 -14.93 10.19 37.20
C TYR A 297 -14.66 11.17 38.36
N LYS A 298 -13.97 10.70 39.40
CA LYS A 298 -13.48 11.57 40.48
C LYS A 298 -12.42 12.53 39.95
N LEU A 299 -11.46 11.99 39.19
CA LEU A 299 -10.44 12.83 38.53
C LEU A 299 -11.08 13.84 37.57
N LEU A 300 -12.05 13.36 36.79
CA LEU A 300 -12.78 14.23 35.85
C LEU A 300 -13.51 15.37 36.59
N GLN A 301 -14.13 15.03 37.73
CA GLN A 301 -14.76 16.02 38.61
C GLN A 301 -13.75 17.03 39.18
N ASP A 302 -12.58 16.55 39.59
CA ASP A 302 -11.53 17.40 40.13
C ASP A 302 -11.08 18.44 39.09
N LEU A 303 -10.97 18.00 37.82
CA LEU A 303 -10.56 18.88 36.72
C LEU A 303 -11.70 19.76 36.16
N PHE A 304 -12.92 19.24 36.21
CA PHE A 304 -14.11 19.95 35.70
C PHE A 304 -15.21 19.86 36.77
N PRO A 305 -15.42 20.93 37.56
CA PRO A 305 -16.53 20.93 38.52
C PRO A 305 -17.90 20.50 37.93
N LYS A 306 -18.16 20.86 36.68
CA LYS A 306 -19.41 20.49 36.00
C LYS A 306 -19.56 19.00 35.66
N ALA A 307 -18.48 18.22 35.82
CA ALA A 307 -18.53 16.77 35.72
C ALA A 307 -18.96 16.08 37.04
N ALA A 308 -19.27 16.86 38.08
CA ALA A 308 -19.66 16.31 39.38
C ALA A 308 -20.83 15.33 39.30
N GLU A 309 -21.83 15.65 38.49
CA GLU A 309 -23.01 14.79 38.34
C GLU A 309 -22.69 13.40 37.77
N LEU A 310 -21.60 13.29 37.01
CA LEU A 310 -21.16 12.01 36.46
C LEU A 310 -20.63 11.09 37.56
N TYR A 311 -19.74 11.63 38.41
CA TYR A 311 -19.22 10.90 39.56
C TYR A 311 -20.34 10.46 40.50
N GLU A 312 -21.27 11.38 40.77
CA GLU A 312 -22.42 11.09 41.65
C GLU A 312 -23.30 9.96 41.08
N ARG A 313 -23.49 9.96 39.77
CA ARG A 313 -24.24 8.90 39.09
C ARG A 313 -23.55 7.54 39.15
N VAL A 314 -22.23 7.54 39.01
CA VAL A 314 -21.46 6.29 39.10
C VAL A 314 -21.53 5.75 40.54
N ALA A 315 -21.35 6.62 41.53
CA ALA A 315 -21.43 6.25 42.95
C ALA A 315 -22.83 5.74 43.31
N SER A 316 -23.85 6.40 42.77
CA SER A 316 -25.25 6.00 42.95
C SER A 316 -25.52 4.62 42.34
N ASN A 317 -25.01 4.38 41.13
CA ASN A 317 -25.16 3.07 40.49
C ASN A 317 -24.46 1.98 41.27
N ARG A 318 -23.28 2.30 41.81
CA ARG A 318 -22.58 1.36 42.66
C ARG A 318 -23.38 1.00 43.91
N GLU A 319 -23.93 2.00 44.58
CA GLU A 319 -24.82 1.78 45.72
C GLU A 319 -25.98 0.87 45.35
N HIS A 320 -26.54 1.06 44.16
CA HIS A 320 -27.64 0.22 43.67
C HIS A 320 -27.19 -1.25 43.51
N TRP A 321 -25.98 -1.47 43.01
CA TRP A 321 -25.41 -2.82 42.90
C TRP A 321 -25.27 -3.48 44.27
N THR A 322 -24.82 -2.72 45.27
CA THR A 322 -24.73 -3.21 46.65
C THR A 322 -26.12 -3.61 47.16
N LYS A 323 -27.12 -2.77 46.91
CA LYS A 323 -28.51 -3.01 47.35
C LYS A 323 -29.13 -4.30 46.77
N VAL A 324 -28.83 -4.61 45.51
CA VAL A 324 -29.38 -5.81 44.86
C VAL A 324 -28.48 -7.05 44.96
N SER A 325 -27.31 -6.93 45.60
CA SER A 325 -26.36 -8.05 45.74
C SER A 325 -27.02 -9.32 46.32
N HIS A 326 -27.87 -9.15 47.33
CA HIS A 326 -28.61 -10.26 47.98
C HIS A 326 -29.44 -11.14 47.03
N LYS A 327 -29.84 -10.59 45.88
CA LYS A 327 -30.63 -11.34 44.90
C LYS A 327 -29.86 -12.45 44.17
N PHE A 328 -28.53 -12.43 44.24
CA PHE A 328 -27.72 -13.54 43.72
C PHE A 328 -27.73 -14.76 44.63
N THR A 329 -28.32 -14.68 45.83
CA THR A 329 -28.58 -15.86 46.67
C THR A 329 -29.97 -16.44 46.34
N ILE A 330 -29.98 -17.69 45.83
CA ILE A 330 -31.18 -18.42 45.38
C ILE A 330 -32.11 -18.67 46.57
N ARG A 331 -33.28 -18.06 46.54
CA ARG A 331 -34.38 -18.34 47.46
C ARG A 331 -35.35 -19.26 46.75
N GLY A 332 -35.95 -20.19 47.50
CA GLY A 332 -36.76 -21.25 46.90
C GLY A 332 -35.91 -22.17 46.04
N LEU A 333 -36.55 -22.77 45.05
CA LEU A 333 -35.85 -23.58 44.05
C LEU A 333 -35.44 -22.70 42.88
N PRO A 334 -34.45 -23.15 42.08
CA PRO A 334 -34.16 -22.43 40.82
C PRO A 334 -35.35 -22.48 39.86
N SER A 335 -35.35 -21.61 38.84
CA SER A 335 -36.41 -21.62 37.81
C SER A 335 -36.61 -23.00 37.16
N ASN A 336 -35.50 -23.74 37.05
CA ASN A 336 -35.47 -25.16 36.66
C ASN A 336 -36.41 -26.08 37.47
N ASN A 337 -36.74 -25.70 38.71
CA ASN A 337 -37.52 -26.55 39.63
C ASN A 337 -36.74 -27.81 39.99
N SER A 338 -35.40 -27.71 40.00
CA SER A 338 -34.53 -28.86 40.15
C SER A 338 -33.35 -28.57 41.05
N LEU A 339 -32.93 -29.57 41.83
CA LEU A 339 -31.72 -29.48 42.65
C LEU A 339 -30.54 -30.27 42.04
N ASP A 340 -30.63 -30.62 40.75
CA ASP A 340 -29.53 -31.30 40.03
C ASP A 340 -28.19 -30.56 40.13
N PHE A 341 -28.24 -29.23 40.14
CA PHE A 341 -27.03 -28.40 40.25
C PHE A 341 -26.15 -28.63 41.51
N LEU A 342 -26.66 -29.31 42.54
CA LEU A 342 -25.88 -29.59 43.74
C LEU A 342 -24.87 -30.72 43.52
N GLY B 1 8.05 -9.92 -7.47
CA GLY B 1 7.13 -9.43 -8.55
C GLY B 1 6.04 -10.45 -8.87
N HIS B 2 5.11 -10.05 -9.72
CA HIS B 2 3.94 -10.89 -9.98
C HIS B 2 4.33 -12.32 -10.39
N ALA B 3 3.51 -13.28 -9.98
CA ALA B 3 3.65 -14.67 -10.33
C ALA B 3 2.43 -14.95 -11.19
N SER B 4 2.66 -15.13 -12.48
CA SER B 4 1.57 -15.37 -13.44
C SER B 4 0.99 -16.78 -13.24
N ASP B 5 -0.12 -17.06 -13.91
CA ASP B 5 -0.86 -18.33 -13.74
C ASP B 5 0.03 -19.50 -14.10
N ASP B 6 0.81 -19.34 -15.16
CA ASP B 6 1.74 -20.38 -15.59
C ASP B 6 2.74 -20.76 -14.51
N GLU B 7 3.21 -19.79 -13.74
CA GLU B 7 4.16 -20.03 -12.65
C GLU B 7 3.61 -20.96 -11.57
N TYR B 8 2.34 -20.76 -11.20
CA TYR B 8 1.63 -21.65 -10.28
C TYR B 8 1.54 -23.07 -10.83
N THR B 9 1.07 -23.19 -12.06
CA THR B 9 0.91 -24.48 -12.71
C THR B 9 2.23 -25.25 -12.78
N LYS B 10 3.31 -24.57 -13.16
CA LYS B 10 4.64 -25.19 -13.25
C LYS B 10 5.10 -25.68 -11.88
N LEU B 11 4.92 -24.82 -10.90
CA LEU B 11 5.40 -25.08 -9.58
C LEU B 11 4.56 -26.18 -8.89
N LEU B 12 3.28 -26.25 -9.24
CA LEU B 12 2.34 -27.18 -8.67
C LEU B 12 2.33 -28.56 -9.35
N HIS B 13 2.66 -28.61 -10.65
CA HIS B 13 2.57 -29.85 -11.43
C HIS B 13 3.86 -30.50 -11.95
N ASP B 14 4.94 -29.76 -12.11
CA ASP B 14 6.16 -30.28 -12.79
C ASP B 14 7.07 -31.22 -12.02
N GLY B 15 7.09 -31.06 -10.70
CA GLY B 15 8.00 -31.81 -9.85
C GLY B 15 9.15 -30.95 -9.35
N ILE B 16 9.60 -31.27 -8.16
CA ILE B 16 10.70 -30.58 -7.49
C ILE B 16 12.03 -31.04 -8.12
N GLN B 17 12.64 -30.15 -8.91
CA GLN B 17 13.94 -30.37 -9.55
C GLN B 17 15.03 -30.66 -8.48
N PRO B 18 15.87 -31.69 -8.70
CA PRO B 18 17.01 -31.88 -7.78
C PRO B 18 17.99 -30.71 -7.92
N VAL B 19 18.63 -30.32 -6.83
CA VAL B 19 19.51 -29.15 -6.84
C VAL B 19 20.65 -29.20 -7.88
N ALA B 20 21.23 -30.39 -8.07
CA ALA B 20 22.32 -30.59 -9.05
C ALA B 20 21.92 -30.23 -10.48
N ALA B 21 20.64 -30.41 -10.82
CA ALA B 21 20.12 -30.07 -12.15
C ALA B 21 20.02 -28.56 -12.42
N ILE B 22 19.99 -27.75 -11.36
CA ILE B 22 19.96 -26.29 -11.50
C ILE B 22 21.33 -25.82 -11.98
N ASP B 23 22.37 -26.24 -11.27
CA ASP B 23 23.76 -25.96 -11.61
C ASP B 23 24.67 -26.90 -10.79
N SER B 24 25.74 -27.39 -11.40
CA SER B 24 26.68 -28.28 -10.70
C SER B 24 27.44 -27.57 -9.56
N ASN B 25 27.54 -26.24 -9.64
CA ASN B 25 28.16 -25.41 -8.61
C ASN B 25 27.15 -24.71 -7.68
N PHE B 26 25.89 -25.18 -7.66
CA PHE B 26 24.80 -24.47 -6.97
C PHE B 26 24.98 -24.35 -5.45
N ALA B 27 25.64 -25.34 -4.85
CA ALA B 27 25.91 -25.37 -3.41
C ALA B 27 27.28 -24.80 -3.03
N SER B 28 27.96 -24.12 -3.96
CA SER B 28 29.27 -23.51 -3.70
C SER B 28 29.16 -22.03 -3.34
N PHE B 29 30.02 -21.59 -2.44
CA PHE B 29 30.15 -20.15 -2.12
C PHE B 29 30.53 -19.28 -3.34
N THR B 30 31.11 -19.88 -4.39
CA THR B 30 31.43 -19.11 -5.61
C THR B 30 30.21 -18.87 -6.52
N TYR B 31 29.08 -19.56 -6.29
CA TYR B 31 27.93 -19.42 -7.18
C TYR B 31 27.22 -18.11 -6.94
N THR B 32 26.79 -17.47 -8.02
CA THR B 32 26.07 -16.21 -7.95
C THR B 32 24.61 -16.50 -8.27
N PRO B 33 23.72 -16.48 -7.24
CA PRO B 33 22.30 -16.82 -7.49
C PRO B 33 21.57 -15.88 -8.45
N ARG B 34 22.05 -14.65 -8.61
CA ARG B 34 21.51 -13.72 -9.61
C ARG B 34 21.73 -14.17 -11.07
N SER B 35 22.65 -15.11 -11.29
CA SER B 35 22.80 -15.76 -12.60
C SER B 35 21.59 -16.61 -13.01
N LEU B 36 20.81 -17.07 -12.04
CA LEU B 36 19.62 -17.86 -12.32
C LEU B 36 18.51 -16.94 -12.81
N PRO B 37 17.87 -17.27 -13.96
CA PRO B 37 16.76 -16.41 -14.44
C PRO B 37 15.63 -16.36 -13.43
N GLU B 38 14.98 -15.21 -13.35
CA GLU B 38 13.94 -14.96 -12.34
C GLU B 38 12.80 -15.97 -12.35
N ASP B 39 12.41 -16.45 -13.54
CA ASP B 39 11.35 -17.45 -13.68
C ASP B 39 11.70 -18.86 -13.16
N ASP B 40 12.99 -19.12 -12.86
CA ASP B 40 13.42 -20.39 -12.27
C ASP B 40 13.64 -20.32 -10.75
N THR B 41 13.54 -19.13 -10.15
CA THR B 41 13.89 -18.95 -8.74
C THR B 41 12.92 -19.62 -7.75
N SER B 42 11.63 -19.64 -8.06
CA SER B 42 10.64 -20.28 -7.19
C SER B 42 10.86 -21.80 -7.11
N MET B 43 11.16 -22.41 -8.25
CA MET B 43 11.53 -23.82 -8.29
C MET B 43 12.83 -24.08 -7.53
N ALA B 44 13.79 -23.17 -7.64
CA ALA B 44 15.05 -23.27 -6.89
C ALA B 44 14.81 -23.21 -5.37
N ILE B 45 13.89 -22.34 -4.95
CA ILE B 45 13.50 -22.28 -3.53
C ILE B 45 13.01 -23.65 -3.07
N LEU B 46 12.10 -24.25 -3.84
CA LEU B 46 11.58 -25.60 -3.52
C LEU B 46 12.70 -26.64 -3.52
N SER B 47 13.56 -26.61 -4.53
CA SER B 47 14.72 -27.51 -4.59
C SER B 47 15.65 -27.41 -3.38
N MET B 48 15.88 -26.20 -2.88
CA MET B 48 16.71 -25.99 -1.71
C MET B 48 16.06 -26.55 -0.44
N LEU B 49 14.77 -26.26 -0.25
CA LEU B 49 14.02 -26.81 0.88
C LEU B 49 14.01 -28.33 0.88
N GLN B 50 13.86 -28.92 -0.31
CA GLN B 50 13.95 -30.38 -0.47
C GLN B 50 15.35 -30.91 -0.14
N ASP B 51 16.40 -30.22 -0.62
CA ASP B 51 17.78 -30.65 -0.37
C ASP B 51 18.19 -30.53 1.10
N MET B 52 17.64 -29.55 1.82
CA MET B 52 17.81 -29.44 3.27
C MET B 52 16.88 -30.40 4.07
N ASN B 53 16.04 -31.15 3.35
CA ASN B 53 15.12 -32.13 3.92
C ASN B 53 13.97 -31.53 4.77
N PHE B 54 13.71 -30.23 4.67
CA PHE B 54 12.66 -29.60 5.50
C PHE B 54 11.24 -29.97 5.10
N ILE B 55 11.05 -30.30 3.82
CA ILE B 55 9.73 -30.71 3.33
C ILE B 55 9.29 -32.02 4.00
N ASN B 56 10.17 -33.02 4.00
CA ASN B 56 9.92 -34.29 4.67
C ASN B 56 9.98 -34.18 6.22
N ASN B 57 10.93 -33.40 6.72
CA ASN B 57 11.10 -33.21 8.17
C ASN B 57 9.82 -32.67 8.80
N TYR B 58 9.31 -31.57 8.24
CA TYR B 58 8.13 -30.92 8.77
C TYR B 58 6.83 -31.28 8.06
N LYS B 59 6.88 -32.26 7.16
CA LYS B 59 5.69 -32.76 6.47
C LYS B 59 4.91 -31.62 5.83
N ILE B 60 5.63 -30.77 5.12
CA ILE B 60 5.05 -29.57 4.51
C ILE B 60 4.25 -30.02 3.31
N ASP B 61 3.03 -29.51 3.19
CA ASP B 61 2.19 -29.79 2.04
C ASP B 61 2.79 -29.06 0.83
N CYS B 62 3.11 -29.81 -0.22
CA CYS B 62 3.82 -29.24 -1.38
C CYS B 62 3.02 -28.18 -2.14
N PRO B 63 1.72 -28.42 -2.40
CA PRO B 63 0.85 -27.37 -2.96
C PRO B 63 0.82 -26.07 -2.13
N THR B 64 0.75 -26.22 -0.81
CA THR B 64 0.75 -25.09 0.12
C THR B 64 2.08 -24.35 0.07
N LEU B 65 3.19 -25.12 0.05
CA LEU B 65 4.51 -24.54 -0.09
C LEU B 65 4.70 -23.78 -1.41
N ALA B 66 4.21 -24.36 -2.51
CA ALA B 66 4.28 -23.69 -3.81
C ALA B 66 3.52 -22.36 -3.79
N ARG B 67 2.29 -22.39 -3.26
CA ARG B 67 1.47 -21.19 -3.11
C ARG B 67 2.13 -20.16 -2.21
N PHE B 68 2.69 -20.61 -1.10
CA PHE B 68 3.44 -19.74 -0.20
C PHE B 68 4.60 -19.03 -0.91
N CYS B 69 5.43 -19.80 -1.59
CA CYS B 69 6.61 -19.28 -2.31
C CYS B 69 6.23 -18.23 -3.35
N LEU B 70 5.18 -18.50 -4.13
CA LEU B 70 4.72 -17.56 -5.14
C LEU B 70 4.11 -16.30 -4.52
N MET B 71 3.39 -16.44 -3.41
CA MET B 71 2.88 -15.27 -2.68
C MET B 71 3.99 -14.38 -2.12
N VAL B 72 5.04 -15.00 -1.60
CA VAL B 72 6.20 -14.27 -1.11
C VAL B 72 6.86 -13.50 -2.27
N LYS B 73 7.09 -14.20 -3.38
CA LYS B 73 7.64 -13.58 -4.59
C LYS B 73 6.79 -12.37 -5.03
N LYS B 74 5.47 -12.56 -5.09
CA LYS B 74 4.52 -11.50 -5.43
C LYS B 74 4.49 -10.32 -4.46
N GLY B 75 4.89 -10.56 -3.21
CA GLY B 75 4.92 -9.52 -2.19
C GLY B 75 6.11 -8.57 -2.25
N TYR B 76 7.07 -8.83 -3.16
CA TYR B 76 8.15 -7.90 -3.45
C TYR B 76 7.76 -6.96 -4.60
N ARG B 77 8.08 -5.68 -4.42
CA ARG B 77 7.93 -4.69 -5.48
C ARG B 77 9.20 -4.73 -6.33
N ASP B 78 9.38 -3.76 -7.24
CA ASP B 78 10.51 -3.77 -8.15
C ASP B 78 11.40 -2.52 -8.07
N PRO B 79 11.84 -2.13 -6.85
CA PRO B 79 12.88 -1.10 -6.80
C PRO B 79 14.20 -1.69 -7.27
N PRO B 80 15.23 -0.86 -7.48
CA PRO B 80 16.44 -1.40 -8.07
C PRO B 80 17.10 -2.56 -7.31
N TYR B 81 17.16 -2.48 -5.99
CA TYR B 81 17.83 -3.51 -5.16
C TYR B 81 16.88 -4.39 -4.37
N HIS B 82 15.96 -3.79 -3.64
CA HIS B 82 15.12 -4.52 -2.68
C HIS B 82 13.91 -5.19 -3.34
N ASN B 83 14.21 -6.13 -4.21
CA ASN B 83 13.22 -6.82 -5.03
C ASN B 83 13.34 -8.32 -4.72
N TRP B 84 12.53 -9.11 -5.40
CA TRP B 84 12.52 -10.57 -5.19
C TRP B 84 13.90 -11.19 -5.39
N MET B 85 14.65 -10.75 -6.40
CA MET B 85 15.99 -11.31 -6.65
C MET B 85 16.94 -11.08 -5.48
N HIS B 86 16.77 -10.00 -4.73
CA HIS B 86 17.51 -9.86 -3.48
C HIS B 86 17.10 -10.93 -2.46
N ALA B 87 15.79 -11.07 -2.23
CA ALA B 87 15.27 -12.08 -1.28
C ALA B 87 15.72 -13.50 -1.67
N PHE B 88 15.64 -13.81 -2.97
CA PHE B 88 16.12 -15.09 -3.47
C PHE B 88 17.62 -15.30 -3.21
N SER B 89 18.43 -14.28 -3.52
CA SER B 89 19.88 -14.32 -3.29
C SER B 89 20.25 -14.51 -1.82
N VAL B 90 19.51 -13.85 -0.95
CA VAL B 90 19.70 -13.97 0.51
C VAL B 90 19.33 -15.38 1.00
N SER B 91 18.22 -15.91 0.51
CA SER B 91 17.79 -17.28 0.81
C SER B 91 18.79 -18.30 0.28
N HIS B 92 19.30 -18.07 -0.93
CA HIS B 92 20.33 -18.95 -1.48
C HIS B 92 21.57 -18.99 -0.59
N PHE B 93 22.01 -17.84 -0.09
CA PHE B 93 23.15 -17.81 0.82
C PHE B 93 22.90 -18.59 2.11
N CYS B 94 21.68 -18.49 2.65
CA CYS B 94 21.30 -19.29 3.82
C CYS B 94 21.49 -20.78 3.54
N TYR B 95 21.02 -21.21 2.36
CA TYR B 95 21.23 -22.57 1.88
C TYR B 95 22.72 -22.93 1.79
N LEU B 96 23.55 -22.02 1.27
CA LEU B 96 24.99 -22.24 1.23
C LEU B 96 25.61 -22.41 2.60
N LEU B 97 25.17 -21.63 3.58
CA LEU B 97 25.65 -21.76 4.95
C LEU B 97 25.30 -23.13 5.52
N TYR B 98 24.08 -23.57 5.25
CA TYR B 98 23.66 -24.92 5.62
C TYR B 98 24.56 -26.01 4.98
N LYS B 99 24.76 -25.90 3.67
CA LYS B 99 25.54 -26.89 2.93
C LYS B 99 27.05 -26.89 3.23
N ASN B 100 27.61 -25.73 3.58
CA ASN B 100 29.06 -25.59 3.75
C ASN B 100 29.57 -25.52 5.20
N LEU B 101 28.75 -25.00 6.12
CA LEU B 101 29.16 -24.83 7.52
C LEU B 101 28.60 -25.86 8.50
N GLU B 102 27.71 -26.73 8.03
CA GLU B 102 27.15 -27.80 8.88
C GLU B 102 26.47 -27.18 10.10
N LEU B 103 25.46 -26.36 9.79
CA LEU B 103 24.68 -25.64 10.80
C LEU B 103 23.95 -26.55 11.78
N THR B 104 23.70 -27.81 11.39
CA THR B 104 23.06 -28.80 12.27
C THR B 104 23.86 -29.13 13.54
N ASN B 105 25.17 -28.87 13.55
CA ASN B 105 25.98 -28.97 14.77
C ASN B 105 25.80 -27.83 15.77
N TYR B 106 25.15 -26.74 15.34
CA TYR B 106 25.00 -25.52 16.13
C TYR B 106 23.55 -25.17 16.46
N LEU B 107 22.65 -25.39 15.51
CA LEU B 107 21.26 -24.94 15.61
C LEU B 107 20.30 -26.10 15.45
N GLU B 108 19.11 -25.93 16.02
CA GLU B 108 18.03 -26.90 15.85
C GLU B 108 17.48 -26.80 14.43
N ASP B 109 16.92 -27.92 13.95
CA ASP B 109 16.30 -27.95 12.62
C ASP B 109 15.24 -26.87 12.43
N ILE B 110 14.40 -26.65 13.45
CA ILE B 110 13.36 -25.61 13.38
C ILE B 110 13.94 -24.18 13.28
N GLU B 111 15.10 -23.96 13.91
CA GLU B 111 15.79 -22.68 13.84
C GLU B 111 16.37 -22.41 12.45
N ILE B 112 16.95 -23.43 11.83
CA ILE B 112 17.51 -23.31 10.48
C ILE B 112 16.38 -23.14 9.46
N PHE B 113 15.27 -23.86 9.67
CA PHE B 113 14.10 -23.72 8.82
C PHE B 113 13.53 -22.29 8.93
N ALA B 114 13.39 -21.79 10.15
CA ALA B 114 12.94 -20.40 10.38
C ALA B 114 13.84 -19.38 9.70
N LEU B 115 15.15 -19.59 9.77
CA LEU B 115 16.13 -18.71 9.14
C LEU B 115 15.91 -18.64 7.63
N PHE B 116 15.76 -19.78 6.98
CA PHE B 116 15.54 -19.81 5.53
C PHE B 116 14.24 -19.09 5.14
N ILE B 117 13.16 -19.39 5.86
CA ILE B 117 11.88 -18.76 5.57
C ILE B 117 11.95 -17.27 5.86
N SER B 118 12.66 -16.89 6.93
CA SER B 118 12.86 -15.48 7.23
C SER B 118 13.61 -14.78 6.09
N CYS B 119 14.65 -15.44 5.55
CA CYS B 119 15.40 -14.90 4.40
C CYS B 119 14.50 -14.57 3.21
N MET B 120 13.59 -15.50 2.89
CA MET B 120 12.61 -15.27 1.81
C MET B 120 11.72 -14.05 2.05
N CYS B 121 11.32 -13.86 3.31
CA CYS B 121 10.32 -12.85 3.70
C CYS B 121 10.88 -11.51 4.20
N HIS B 122 12.18 -11.42 4.40
CA HIS B 122 12.73 -10.40 5.30
C HIS B 122 12.66 -8.96 4.78
N ASP B 123 12.42 -8.76 3.48
CA ASP B 123 12.24 -7.43 2.88
C ASP B 123 10.90 -7.26 2.15
N LEU B 124 9.88 -8.06 2.52
CA LEU B 124 8.60 -8.05 1.84
C LEU B 124 8.00 -6.65 1.76
N ASP B 125 7.53 -6.27 0.56
CA ASP B 125 6.93 -4.96 0.29
C ASP B 125 7.87 -3.76 0.52
N HIS B 126 9.17 -3.98 0.39
CA HIS B 126 10.14 -2.87 0.45
C HIS B 126 9.84 -1.90 -0.72
N ARG B 127 9.94 -0.60 -0.45
CA ARG B 127 9.62 0.44 -1.46
C ARG B 127 10.85 1.17 -2.01
N GLY B 128 12.02 0.59 -1.81
CA GLY B 128 13.30 1.28 -2.00
C GLY B 128 13.62 2.46 -1.09
N THR B 129 12.98 2.53 0.07
CA THR B 129 13.27 3.58 1.06
C THR B 129 13.58 2.98 2.41
N ASN B 130 14.34 3.69 3.23
CA ASN B 130 14.84 3.16 4.50
C ASN B 130 13.92 3.57 5.66
N ASN B 131 14.30 3.22 6.89
CA ASN B 131 13.48 3.50 8.07
C ASN B 131 13.31 4.99 8.34
N SER B 132 14.42 5.72 8.20
CA SER B 132 14.45 7.17 8.33
C SER B 132 13.47 7.90 7.39
N PHE B 133 13.37 7.43 6.15
CA PHE B 133 12.45 8.02 5.18
C PHE B 133 10.98 7.89 5.60
N GLN B 134 10.63 6.76 6.19
CA GLN B 134 9.23 6.51 6.59
C GLN B 134 8.77 7.58 7.56
N VAL B 135 9.61 7.89 8.53
CA VAL B 135 9.33 8.92 9.51
C VAL B 135 9.27 10.31 8.83
N ALA B 136 10.30 10.61 8.03
CA ALA B 136 10.37 11.89 7.31
C ALA B 136 9.21 12.12 6.35
N SER B 137 8.82 11.09 5.60
CA SER B 137 7.69 11.18 4.67
C SER B 137 6.31 11.01 5.35
N LYS B 138 6.30 10.72 6.66
CA LYS B 138 5.08 10.45 7.43
C LYS B 138 4.19 9.43 6.71
N SER B 139 4.81 8.29 6.39
CA SER B 139 4.12 7.23 5.67
C SER B 139 3.20 6.49 6.63
N VAL B 140 2.33 5.65 6.06
CA VAL B 140 1.45 4.78 6.84
C VAL B 140 2.30 3.86 7.74
N LEU B 141 3.43 3.39 7.24
CA LEU B 141 4.31 2.52 8.00
C LEU B 141 4.90 3.21 9.24
N ALA B 142 5.25 4.49 9.12
CA ALA B 142 5.68 5.31 10.27
C ALA B 142 4.61 5.43 11.35
N ALA B 143 3.38 5.70 10.92
CA ALA B 143 2.25 5.85 11.84
C ALA B 143 2.07 4.58 12.66
N LEU B 144 2.17 3.44 11.97
CA LEU B 144 2.01 2.12 12.59
C LEU B 144 3.17 1.71 13.48
N TYR B 145 4.41 1.99 13.05
CA TYR B 145 5.59 1.38 13.68
C TYR B 145 6.69 2.30 14.23
N SER B 146 6.61 3.61 14.02
CA SER B 146 7.73 4.51 14.36
C SER B 146 8.05 4.56 15.86
N SER B 147 7.03 4.51 16.72
CA SER B 147 7.28 4.49 18.17
C SER B 147 8.02 3.22 18.64
N GLU B 148 7.94 2.15 17.84
CA GLU B 148 8.58 0.86 18.16
C GLU B 148 10.00 0.67 17.60
N GLY B 149 10.41 1.49 16.63
CA GLY B 149 11.71 1.31 15.93
C GLY B 149 11.61 0.25 14.86
N SER B 150 12.66 0.09 14.06
CA SER B 150 12.70 -0.91 12.98
C SER B 150 11.42 -0.93 12.12
N VAL B 151 11.06 0.26 11.62
CA VAL B 151 9.78 0.47 10.92
C VAL B 151 9.58 -0.52 9.78
N MET B 152 10.52 -0.56 8.83
CA MET B 152 10.37 -1.44 7.68
C MET B 152 10.41 -2.92 8.06
N GLU B 153 11.23 -3.28 9.05
CA GLU B 153 11.40 -4.68 9.43
C GLU B 153 10.13 -5.22 10.11
N ARG B 154 9.48 -4.38 10.90
CA ARG B 154 8.17 -4.72 11.49
C ARG B 154 7.12 -4.91 10.40
N HIS B 155 7.16 -4.05 9.38
CA HIS B 155 6.30 -4.20 8.21
C HIS B 155 6.59 -5.49 7.43
N HIS B 156 7.85 -5.81 7.22
CA HIS B 156 8.20 -7.06 6.53
C HIS B 156 7.64 -8.28 7.26
N PHE B 157 7.79 -8.30 8.58
CA PHE B 157 7.24 -9.37 9.40
C PHE B 157 5.72 -9.42 9.30
N ALA B 158 5.06 -8.26 9.43
CA ALA B 158 3.60 -8.20 9.32
C ALA B 158 3.11 -8.73 7.97
N GLN B 159 3.82 -8.39 6.89
CA GLN B 159 3.53 -8.91 5.55
C GLN B 159 3.66 -10.43 5.49
N ALA B 160 4.72 -10.97 6.10
CA ALA B 160 4.93 -12.43 6.17
C ALA B 160 3.77 -13.13 6.89
N ILE B 161 3.33 -12.55 8.01
CA ILE B 161 2.18 -13.05 8.77
C ILE B 161 0.89 -13.05 7.93
N ALA B 162 0.65 -11.96 7.20
CA ALA B 162 -0.50 -11.84 6.31
C ALA B 162 -0.50 -12.91 5.21
N ILE B 163 0.68 -13.22 4.67
CA ILE B 163 0.81 -14.30 3.67
C ILE B 163 0.46 -15.66 4.30
N LEU B 164 1.03 -15.96 5.46
CA LEU B 164 0.74 -17.21 6.17
C LEU B 164 -0.74 -17.38 6.47
N ASN B 165 -1.42 -16.28 6.78
CA ASN B 165 -2.85 -16.31 7.05
C ASN B 165 -3.73 -16.07 5.83
N THR B 166 -3.13 -16.10 4.64
CA THR B 166 -3.89 -16.13 3.39
C THR B 166 -4.25 -17.58 3.13
N HIS B 167 -5.51 -17.83 2.77
CA HIS B 167 -6.00 -19.18 2.51
C HIS B 167 -5.11 -19.92 1.50
N GLY B 168 -4.71 -21.14 1.87
CA GLY B 168 -3.92 -22.00 1.01
C GLY B 168 -2.42 -21.82 1.10
N CYS B 169 -1.96 -20.86 1.92
CA CYS B 169 -0.55 -20.50 2.01
C CYS B 169 0.09 -20.75 3.36
N ASN B 170 -0.65 -21.31 4.33
CA ASN B 170 -0.06 -21.53 5.63
C ASN B 170 0.73 -22.84 5.67
N ILE B 171 2.02 -22.72 5.36
CA ILE B 171 2.92 -23.86 5.41
C ILE B 171 3.11 -24.47 6.81
N PHE B 172 2.73 -23.73 7.86
CA PHE B 172 2.83 -24.20 9.24
C PHE B 172 1.50 -24.60 9.89
N ASP B 173 0.42 -24.72 9.12
CA ASP B 173 -0.91 -24.93 9.73
C ASP B 173 -1.13 -26.32 10.36
N HIS B 174 -0.23 -27.26 10.05
CA HIS B 174 -0.21 -28.59 10.69
C HIS B 174 0.81 -28.67 11.84
N PHE B 175 1.57 -27.59 12.09
CA PHE B 175 2.50 -27.56 13.22
C PHE B 175 1.73 -27.66 14.53
N SER B 176 2.38 -28.24 15.54
CA SER B 176 1.86 -28.20 16.89
C SER B 176 1.80 -26.73 17.35
N ARG B 177 0.93 -26.50 18.32
CA ARG B 177 0.78 -25.18 18.94
C ARG B 177 2.13 -24.63 19.43
N LYS B 178 2.92 -25.49 20.06
CA LYS B 178 4.27 -25.16 20.53
C LYS B 178 5.21 -24.79 19.38
N ASP B 179 5.29 -25.66 18.36
CA ASP B 179 6.13 -25.40 17.19
C ASP B 179 5.66 -24.20 16.36
N TYR B 180 4.35 -23.96 16.30
CA TYR B 180 3.81 -22.83 15.57
C TYR B 180 4.27 -21.50 16.18
N GLN B 181 4.11 -21.36 17.50
CA GLN B 181 4.58 -20.17 18.23
C GLN B 181 6.07 -19.99 18.12
N ARG B 182 6.82 -21.09 18.25
CA ARG B 182 8.26 -21.06 18.08
C ARG B 182 8.65 -20.47 16.72
N MET B 183 8.02 -20.98 15.66
CA MET B 183 8.28 -20.54 14.29
C MET B 183 7.96 -19.04 14.11
N LEU B 184 6.81 -18.60 14.60
CA LEU B 184 6.46 -17.18 14.55
C LEU B 184 7.44 -16.30 15.35
N ASP B 185 7.83 -16.75 16.54
CA ASP B 185 8.80 -16.02 17.37
C ASP B 185 10.18 -15.93 16.71
N LEU B 186 10.61 -17.05 16.11
CA LEU B 186 11.89 -17.08 15.38
C LEU B 186 11.86 -16.14 14.18
N MET B 187 10.80 -16.21 13.38
CA MET B 187 10.67 -15.34 12.22
C MET B 187 10.70 -13.85 12.60
N ARG B 188 9.98 -13.48 13.66
CA ARG B 188 9.96 -12.09 14.12
C ARG B 188 11.36 -11.62 14.51
N ASP B 189 12.03 -12.41 15.35
CA ASP B 189 13.36 -12.05 15.84
C ASP B 189 14.38 -12.00 14.71
N ILE B 190 14.30 -12.94 13.78
CA ILE B 190 15.26 -13.01 12.67
C ILE B 190 15.04 -11.84 11.71
N ILE B 191 13.80 -11.55 11.35
CA ILE B 191 13.50 -10.40 10.47
C ILE B 191 13.87 -9.06 11.13
N LEU B 192 13.59 -8.92 12.42
CA LEU B 192 14.03 -7.73 13.16
C LEU B 192 15.56 -7.58 13.25
N ALA B 193 16.29 -8.70 13.20
CA ALA B 193 17.75 -8.68 13.19
C ALA B 193 18.36 -8.09 11.92
N THR B 194 17.58 -7.92 10.85
CA THR B 194 18.06 -7.31 9.61
C THR B 194 18.14 -5.79 9.66
N ASP B 195 17.66 -5.17 10.74
CA ASP B 195 17.86 -3.75 10.97
C ASP B 195 19.29 -3.56 11.48
N LEU B 196 20.06 -2.71 10.80
CA LEU B 196 21.42 -2.40 11.24
C LEU B 196 21.47 -1.95 12.70
N ALA B 197 20.47 -1.19 13.14
CA ALA B 197 20.39 -0.70 14.52
C ALA B 197 20.39 -1.85 15.53
N HIS B 198 19.65 -2.92 15.22
CA HIS B 198 19.60 -4.14 16.05
C HIS B 198 20.96 -4.82 16.10
N HIS B 199 21.56 -5.02 14.93
CA HIS B 199 22.91 -5.58 14.84
C HIS B 199 23.94 -4.83 15.69
N LEU B 200 23.88 -3.50 15.64
CA LEU B 200 24.81 -2.67 16.40
C LEU B 200 24.57 -2.79 17.90
N ARG B 201 23.31 -2.93 18.31
CA ARG B 201 22.98 -3.17 19.73
C ARG B 201 23.53 -4.50 20.26
N ILE B 202 23.42 -5.56 19.45
CA ILE B 202 23.87 -6.90 19.88
C ILE B 202 25.34 -7.21 19.57
N PHE B 203 26.05 -6.26 18.94
CA PHE B 203 27.41 -6.51 18.43
C PHE B 203 28.38 -6.97 19.52
N LYS B 204 28.36 -6.32 20.68
CA LYS B 204 29.19 -6.72 21.81
C LYS B 204 28.88 -8.14 22.32
N ASP B 205 27.60 -8.51 22.30
CA ASP B 205 27.17 -9.87 22.65
C ASP B 205 27.67 -10.90 21.63
N LEU B 206 27.63 -10.55 20.34
CA LEU B 206 28.20 -11.38 19.28
C LEU B 206 29.71 -11.60 19.43
N GLN B 207 30.44 -10.52 19.68
CA GLN B 207 31.89 -10.59 19.91
C GLN B 207 32.25 -11.49 21.09
N LYS B 208 31.49 -11.33 22.18
CA LYS B 208 31.65 -12.13 23.41
C LYS B 208 31.49 -13.62 23.10
N MET B 209 30.40 -13.98 22.43
CA MET B 209 30.12 -15.35 22.01
C MET B 209 31.24 -15.92 21.13
N ALA B 210 31.65 -15.15 20.12
CA ALA B 210 32.76 -15.56 19.24
C ALA B 210 34.03 -15.82 20.05
N GLU B 211 34.33 -14.95 21.02
CA GLU B 211 35.50 -15.09 21.90
C GLU B 211 35.48 -16.32 22.80
N VAL B 212 34.43 -16.44 23.60
CA VAL B 212 34.29 -17.56 24.55
C VAL B 212 34.03 -18.90 23.86
N GLY B 213 33.42 -18.87 22.69
CA GLY B 213 33.10 -20.06 21.90
C GLY B 213 31.62 -20.36 21.99
N TYR B 214 31.07 -20.86 20.88
CA TYR B 214 29.66 -21.23 20.81
C TYR B 214 29.38 -22.40 21.74
N ASP B 215 28.20 -22.37 22.34
CA ASP B 215 27.76 -23.32 23.33
C ASP B 215 26.38 -23.72 22.86
N ARG B 216 26.26 -24.93 22.34
CA ARG B 216 25.00 -25.41 21.79
C ARG B 216 23.89 -25.55 22.86
N ASN B 217 24.27 -25.63 24.14
CA ASN B 217 23.28 -25.68 25.24
C ASN B 217 22.85 -24.30 25.78
N ASN B 218 23.41 -23.22 25.22
CA ASN B 218 23.09 -21.85 25.63
C ASN B 218 22.07 -21.28 24.64
N LYS B 219 20.84 -21.05 25.11
CA LYS B 219 19.76 -20.60 24.23
C LYS B 219 19.97 -19.18 23.68
N GLN B 220 20.62 -18.34 24.47
CA GLN B 220 21.04 -17.01 24.00
C GLN B 220 22.03 -17.09 22.84
N HIS B 221 22.96 -18.04 22.89
CA HIS B 221 23.90 -18.26 21.78
C HIS B 221 23.19 -18.67 20.49
N HIS B 222 22.17 -19.51 20.61
CA HIS B 222 21.32 -19.85 19.45
C HIS B 222 20.72 -18.58 18.84
N ARG B 223 20.13 -17.75 19.70
CA ARG B 223 19.49 -16.52 19.25
C ARG B 223 20.46 -15.56 18.60
N LEU B 224 21.60 -15.35 19.24
CA LEU B 224 22.65 -14.49 18.70
C LEU B 224 23.19 -15.02 17.37
N LEU B 225 23.43 -16.32 17.29
CA LEU B 225 23.93 -16.94 16.05
C LEU B 225 22.95 -16.76 14.89
N LEU B 226 21.66 -16.94 15.15
CA LEU B 226 20.64 -16.73 14.12
C LEU B 226 20.66 -15.29 13.58
N CYS B 227 20.77 -14.32 14.48
CA CYS B 227 20.91 -12.91 14.10
C CYS B 227 22.13 -12.71 13.20
N LEU B 228 23.28 -13.21 13.64
CA LEU B 228 24.51 -13.09 12.86
C LEU B 228 24.36 -13.72 11.48
N LEU B 229 23.83 -14.95 11.43
CA LEU B 229 23.64 -15.64 10.17
C LEU B 229 22.71 -14.87 9.23
N MET B 230 21.62 -14.32 9.76
CA MET B 230 20.69 -13.53 8.95
C MET B 230 21.38 -12.32 8.32
N THR B 231 22.13 -11.59 9.13
CA THR B 231 22.90 -10.44 8.66
C THR B 231 23.97 -10.84 7.61
N SER B 232 24.56 -12.02 7.80
CA SER B 232 25.57 -12.58 6.88
C SER B 232 24.89 -12.87 5.51
N CYS B 233 23.64 -13.33 5.57
CA CYS B 233 22.85 -13.57 4.35
C CYS B 233 22.43 -12.28 3.67
N ASP B 234 22.00 -11.29 4.46
CA ASP B 234 21.53 -10.00 3.92
C ASP B 234 22.63 -9.28 3.13
N LEU B 235 23.87 -9.37 3.61
CA LEU B 235 25.04 -8.72 2.99
C LEU B 235 25.85 -9.61 2.06
N SER B 236 25.33 -10.79 1.71
CA SER B 236 26.10 -11.81 0.98
C SER B 236 26.57 -11.43 -0.44
N ASP B 237 25.97 -10.41 -1.04
CA ASP B 237 26.48 -9.88 -2.32
C ASP B 237 27.93 -9.40 -2.22
N GLN B 238 28.37 -9.04 -1.01
CA GLN B 238 29.74 -8.61 -0.77
C GLN B 238 30.76 -9.76 -0.74
N THR B 239 30.29 -11.02 -0.70
CA THR B 239 31.13 -12.21 -0.61
C THR B 239 31.40 -12.90 -1.95
N LYS B 240 30.86 -12.33 -3.04
CA LYS B 240 31.02 -12.90 -4.38
C LYS B 240 32.22 -12.21 -5.06
N GLY B 241 32.26 -12.20 -6.40
CA GLY B 241 33.33 -11.53 -7.13
C GLY B 241 33.11 -10.02 -7.25
N TRP B 242 34.08 -9.37 -7.86
CA TRP B 242 34.04 -7.93 -8.14
C TRP B 242 32.78 -7.51 -8.90
N LYS B 243 32.44 -8.29 -9.94
CA LYS B 243 31.27 -8.01 -10.77
C LYS B 243 29.98 -7.84 -9.98
N THR B 244 29.77 -8.71 -9.00
CA THR B 244 28.58 -8.68 -8.15
C THR B 244 28.58 -7.46 -7.23
N THR B 245 29.67 -7.25 -6.49
CA THR B 245 29.74 -6.11 -5.56
C THR B 245 29.60 -4.78 -6.33
N ARG B 246 30.22 -4.69 -7.51
CA ARG B 246 30.10 -3.50 -8.36
C ARG B 246 28.66 -3.31 -8.87
N LYS B 247 28.06 -4.36 -9.42
CA LYS B 247 26.68 -4.28 -9.93
C LYS B 247 25.65 -4.02 -8.82
N ILE B 248 25.82 -4.66 -7.66
CA ILE B 248 24.92 -4.43 -6.52
C ILE B 248 25.07 -3.01 -5.98
N ALA B 249 26.32 -2.51 -5.94
CA ALA B 249 26.55 -1.11 -5.55
C ALA B 249 25.74 -0.17 -6.43
N GLU B 250 25.78 -0.38 -7.74
CA GLU B 250 24.97 0.37 -8.69
C GLU B 250 23.47 0.38 -8.32
N LEU B 251 22.92 -0.78 -7.99
CA LEU B 251 21.50 -0.90 -7.63
C LEU B 251 21.22 -0.19 -6.32
N ILE B 252 22.12 -0.41 -5.34
CA ILE B 252 22.04 0.22 -4.03
C ILE B 252 22.03 1.74 -4.13
N TYR B 253 23.04 2.30 -4.80
CA TYR B 253 23.13 3.76 -4.91
C TYR B 253 21.97 4.35 -5.71
N LYS B 254 21.50 3.66 -6.75
CA LYS B 254 20.30 4.10 -7.45
C LYS B 254 19.11 4.24 -6.50
N GLU B 255 18.96 3.25 -5.62
CA GLU B 255 17.88 3.27 -4.63
C GLU B 255 18.09 4.42 -3.65
N PHE B 256 19.29 4.52 -3.10
CA PHE B 256 19.62 5.58 -2.14
C PHE B 256 19.36 6.97 -2.71
N PHE B 257 19.84 7.23 -3.93
CA PHE B 257 19.72 8.55 -4.53
C PHE B 257 18.29 8.86 -4.96
N SER B 258 17.53 7.84 -5.36
CA SER B 258 16.08 8.01 -5.60
C SER B 258 15.36 8.48 -4.33
N GLN B 259 15.73 7.91 -3.19
CA GLN B 259 15.17 8.34 -1.91
C GLN B 259 15.53 9.80 -1.62
N GLY B 260 16.82 10.15 -1.78
CA GLY B 260 17.28 11.53 -1.57
C GLY B 260 16.56 12.55 -2.43
N ASP B 261 16.32 12.19 -3.70
CA ASP B 261 15.51 13.01 -4.59
C ASP B 261 14.10 13.24 -4.04
N LEU B 262 13.47 12.19 -3.52
CA LEU B 262 12.13 12.32 -2.90
C LEU B 262 12.17 13.22 -1.68
N GLU B 263 13.19 13.05 -0.85
CA GLU B 263 13.36 13.88 0.35
C GLU B 263 13.53 15.36 0.01
N LYS B 264 14.36 15.65 -0.99
CA LYS B 264 14.51 17.02 -1.50
C LYS B 264 13.19 17.60 -2.01
N ALA B 265 12.45 16.82 -2.78
CA ALA B 265 11.12 17.24 -3.28
C ALA B 265 10.11 17.54 -2.16
N MET B 266 10.24 16.82 -1.04
CA MET B 266 9.44 17.09 0.18
C MET B 266 9.94 18.30 1.00
N GLY B 267 11.11 18.85 0.66
CA GLY B 267 11.68 20.00 1.35
C GLY B 267 12.68 19.65 2.45
N ASN B 268 12.92 18.36 2.67
CA ASN B 268 13.81 17.90 3.72
C ASN B 268 15.25 17.77 3.21
N ARG B 269 16.18 17.69 4.15
CA ARG B 269 17.60 17.57 3.86
C ARG B 269 18.02 16.09 3.98
N PRO B 270 18.37 15.45 2.84
CA PRO B 270 18.78 14.04 2.93
C PRO B 270 20.20 13.90 3.46
N MET B 271 20.47 12.75 4.10
CA MET B 271 21.84 12.37 4.48
C MET B 271 22.74 12.40 3.25
N GLU B 272 24.03 12.67 3.46
CA GLU B 272 24.98 12.74 2.35
C GLU B 272 24.95 11.47 1.47
N MET B 273 24.80 10.29 2.07
CA MET B 273 24.78 9.04 1.29
C MET B 273 23.52 8.85 0.43
N MET B 274 22.45 9.59 0.73
CA MET B 274 21.25 9.62 -0.11
C MET B 274 21.22 10.76 -1.15
N ASP B 275 22.17 11.69 -1.07
CA ASP B 275 22.20 12.89 -1.91
C ASP B 275 23.19 12.67 -3.05
N ARG B 276 22.67 12.49 -4.26
CA ARG B 276 23.51 12.28 -5.44
C ARG B 276 24.49 13.43 -5.77
N GLU B 277 24.22 14.62 -5.25
CA GLU B 277 25.12 15.77 -5.42
C GLU B 277 26.22 15.87 -4.35
N LYS B 278 26.11 15.09 -3.27
CA LYS B 278 27.12 15.05 -2.20
C LYS B 278 27.80 13.70 -1.98
N ALA B 279 27.09 12.61 -2.23
CA ALA B 279 27.61 11.26 -2.00
C ALA B 279 28.88 11.02 -2.79
N TYR B 280 29.92 10.54 -2.12
CA TYR B 280 31.16 10.13 -2.76
C TYR B 280 31.27 8.62 -2.58
N ILE B 281 30.91 7.88 -3.62
CA ILE B 281 30.73 6.42 -3.54
C ILE B 281 31.91 5.65 -2.96
N PRO B 282 33.15 5.96 -3.37
CA PRO B 282 34.28 5.22 -2.80
C PRO B 282 34.34 5.25 -1.26
N GLU B 283 34.23 6.45 -0.69
CA GLU B 283 34.23 6.66 0.76
C GLU B 283 33.08 5.91 1.45
N LEU B 284 31.87 6.05 0.90
CA LEU B 284 30.68 5.38 1.44
C LEU B 284 30.78 3.86 1.38
N GLN B 285 31.21 3.36 0.22
CA GLN B 285 31.33 1.94 -0.01
C GLN B 285 32.41 1.30 0.86
N ILE B 286 33.59 1.91 0.90
CA ILE B 286 34.70 1.43 1.73
C ILE B 286 34.35 1.44 3.23
N SER B 287 33.70 2.50 3.72
CA SER B 287 33.28 2.57 5.13
C SER B 287 32.27 1.46 5.46
N PHE B 288 31.27 1.30 4.60
CA PHE B 288 30.29 0.22 4.75
C PHE B 288 31.00 -1.12 4.83
N MET B 289 31.95 -1.35 3.93
CA MET B 289 32.63 -2.63 3.89
C MET B 289 33.54 -2.85 5.08
N GLU B 290 34.29 -1.84 5.49
CA GLU B 290 35.19 -1.95 6.65
C GLU B 290 34.49 -2.04 7.99
N HIS B 291 33.43 -1.25 8.16
CA HIS B 291 32.82 -1.05 9.48
C HIS B 291 31.51 -1.78 9.71
N ILE B 292 30.87 -2.26 8.64
CA ILE B 292 29.61 -3.02 8.76
C ILE B 292 29.79 -4.44 8.22
N ALA B 293 30.11 -4.59 6.93
CA ALA B 293 30.20 -5.90 6.31
C ALA B 293 31.33 -6.79 6.85
N MET B 294 32.56 -6.29 6.84
CA MET B 294 33.73 -7.12 7.23
C MET B 294 33.67 -7.68 8.65
N PRO B 295 33.22 -6.89 9.65
CA PRO B 295 33.14 -7.42 11.02
C PRO B 295 32.10 -8.53 11.19
N ILE B 296 31.02 -8.48 10.41
CA ILE B 296 30.05 -9.58 10.37
C ILE B 296 30.72 -10.87 9.89
N TYR B 297 31.42 -10.81 8.76
CA TYR B 297 32.08 -12.01 8.22
C TYR B 297 33.30 -12.44 9.04
N LYS B 298 33.91 -11.50 9.76
CA LYS B 298 34.97 -11.80 10.72
C LYS B 298 34.42 -12.63 11.88
N LEU B 299 33.30 -12.19 12.44
CA LEU B 299 32.61 -12.94 13.49
C LEU B 299 32.21 -14.33 13.01
N LEU B 300 31.67 -14.40 11.79
CA LEU B 300 31.28 -15.67 11.17
C LEU B 300 32.48 -16.61 11.01
N GLN B 301 33.62 -16.06 10.59
CA GLN B 301 34.88 -16.79 10.52
C GLN B 301 35.35 -17.29 11.90
N ASP B 302 35.23 -16.44 12.92
CA ASP B 302 35.62 -16.80 14.29
C ASP B 302 34.81 -18.00 14.80
N LEU B 303 33.51 -18.03 14.48
CA LEU B 303 32.62 -19.11 14.87
C LEU B 303 32.69 -20.34 13.95
N PHE B 304 32.98 -20.14 12.67
CA PHE B 304 33.10 -21.22 11.69
C PHE B 304 34.38 -21.03 10.89
N PRO B 305 35.44 -21.79 11.19
CA PRO B 305 36.68 -21.71 10.38
C PRO B 305 36.45 -21.82 8.86
N LYS B 306 35.50 -22.65 8.44
CA LYS B 306 35.17 -22.82 7.02
C LYS B 306 34.51 -21.60 6.35
N ALA B 307 34.11 -20.61 7.13
CA ALA B 307 33.63 -19.33 6.60
C ALA B 307 34.78 -18.35 6.30
N ALA B 308 36.02 -18.77 6.48
CA ALA B 308 37.19 -17.91 6.25
C ALA B 308 37.21 -17.31 4.84
N GLU B 309 36.89 -18.11 3.83
CA GLU B 309 36.88 -17.65 2.43
C GLU B 309 35.88 -16.51 2.17
N LEU B 310 34.82 -16.44 2.97
CA LEU B 310 33.84 -15.35 2.85
C LEU B 310 34.44 -14.01 3.31
N TYR B 311 35.04 -14.01 4.49
CA TYR B 311 35.75 -12.82 5.01
C TYR B 311 36.85 -12.35 4.04
N GLU B 312 37.63 -13.29 3.53
CA GLU B 312 38.71 -13.00 2.58
C GLU B 312 38.18 -12.38 1.29
N ARG B 313 37.03 -12.88 0.81
CA ARG B 313 36.38 -12.31 -0.38
C ARG B 313 35.85 -10.89 -0.15
N VAL B 314 35.30 -10.64 1.03
CA VAL B 314 34.81 -9.30 1.36
C VAL B 314 36.00 -8.32 1.45
N ALA B 315 37.08 -8.74 2.12
CA ALA B 315 38.28 -7.92 2.27
C ALA B 315 38.94 -7.66 0.90
N SER B 316 38.94 -8.69 0.05
CA SER B 316 39.44 -8.57 -1.33
C SER B 316 38.60 -7.59 -2.16
N ASN B 317 37.28 -7.68 -2.05
CA ASN B 317 36.39 -6.73 -2.75
C ASN B 317 36.58 -5.32 -2.26
N ARG B 318 36.78 -5.15 -0.97
CA ARG B 318 37.08 -3.85 -0.43
C ARG B 318 38.38 -3.26 -0.97
N GLU B 319 39.44 -4.08 -1.00
CA GLU B 319 40.71 -3.69 -1.63
C GLU B 319 40.51 -3.25 -3.08
N HIS B 320 39.66 -3.97 -3.82
CA HIS B 320 39.34 -3.61 -5.20
C HIS B 320 38.67 -2.22 -5.29
N TRP B 321 37.75 -1.93 -4.37
CA TRP B 321 37.12 -0.59 -4.29
C TRP B 321 38.14 0.51 -4.04
N THR B 322 39.10 0.26 -3.15
CA THR B 322 40.21 1.19 -2.92
C THR B 322 41.02 1.42 -4.20
N LYS B 323 41.34 0.32 -4.91
CA LYS B 323 42.11 0.39 -6.16
C LYS B 323 41.46 1.23 -7.26
N VAL B 324 40.14 1.14 -7.39
CA VAL B 324 39.42 1.90 -8.43
C VAL B 324 38.88 3.27 -7.97
N SER B 325 39.11 3.64 -6.70
CA SER B 325 38.64 4.92 -6.14
C SER B 325 39.06 6.13 -6.99
N HIS B 326 40.31 6.12 -7.47
CA HIS B 326 40.86 7.21 -8.30
C HIS B 326 40.04 7.53 -9.56
N LYS B 327 39.29 6.55 -10.06
CA LYS B 327 38.46 6.72 -11.27
C LYS B 327 37.28 7.67 -11.09
N PHE B 328 36.88 7.94 -9.85
CA PHE B 328 35.82 8.94 -9.60
C PHE B 328 36.32 10.40 -9.74
N THR B 329 37.63 10.59 -9.88
CA THR B 329 38.20 11.90 -10.20
C THR B 329 38.47 11.97 -11.68
N ILE B 330 37.82 12.89 -12.36
CA ILE B 330 38.02 12.99 -13.79
C ILE B 330 39.43 13.53 -14.09
N ARG B 331 40.26 12.66 -14.67
CA ARG B 331 41.55 13.03 -15.20
C ARG B 331 41.38 13.25 -16.69
N GLY B 332 42.09 14.22 -17.23
CA GLY B 332 41.89 14.64 -18.61
C GLY B 332 40.50 15.20 -18.82
N LEU B 333 40.01 15.07 -20.05
CA LEU B 333 38.64 15.44 -20.38
C LEU B 333 37.75 14.21 -20.19
N PRO B 334 36.43 14.41 -20.04
CA PRO B 334 35.53 13.25 -20.06
C PRO B 334 35.57 12.54 -21.42
N SER B 335 35.06 11.32 -21.49
CA SER B 335 34.99 10.56 -22.75
C SER B 335 34.26 11.35 -23.85
N ASN B 336 33.29 12.16 -23.42
CA ASN B 336 32.64 13.20 -24.25
C ASN B 336 33.58 14.08 -25.08
N ASN B 337 34.79 14.33 -24.57
CA ASN B 337 35.70 15.32 -25.12
C ASN B 337 35.12 16.75 -24.98
N SER B 338 34.32 16.96 -23.94
CA SER B 338 33.56 18.20 -23.78
C SER B 338 33.56 18.67 -22.33
N LEU B 339 33.59 19.99 -22.15
CA LEU B 339 33.44 20.60 -20.82
C LEU B 339 32.04 21.21 -20.59
N ASP B 340 31.06 20.82 -21.40
CA ASP B 340 29.66 21.26 -21.26
C ASP B 340 29.09 21.01 -19.86
N PHE B 341 29.49 19.89 -19.25
CA PHE B 341 29.05 19.53 -17.89
C PHE B 341 29.37 20.53 -16.77
N LEU B 342 30.30 21.46 -17.00
CA LEU B 342 30.66 22.47 -15.99
C LEU B 342 29.53 23.49 -15.71
N ILE C 16 -8.75 -14.80 -40.61
CA ILE C 16 -7.86 -13.98 -39.72
C ILE C 16 -6.38 -14.28 -39.99
N GLN C 17 -5.74 -13.36 -40.69
CA GLN C 17 -4.31 -13.42 -41.01
C GLN C 17 -3.46 -13.50 -39.72
N PRO C 18 -2.46 -14.42 -39.65
CA PRO C 18 -1.53 -14.38 -38.51
C PRO C 18 -0.70 -13.10 -38.54
N VAL C 19 -0.37 -12.55 -37.37
CA VAL C 19 0.31 -11.25 -37.31
C VAL C 19 1.64 -11.18 -38.08
N ALA C 20 2.41 -12.28 -38.04
CA ALA C 20 3.69 -12.37 -38.74
C ALA C 20 3.57 -12.16 -40.27
N ALA C 21 2.44 -12.56 -40.85
CA ALA C 21 2.18 -12.36 -42.27
C ALA C 21 1.93 -10.90 -42.68
N ILE C 22 1.55 -10.04 -41.72
CA ILE C 22 1.36 -8.62 -42.00
C ILE C 22 2.73 -7.97 -42.22
N ASP C 23 3.63 -8.21 -41.27
CA ASP C 23 5.00 -7.73 -41.32
C ASP C 23 5.82 -8.48 -40.26
N SER C 24 7.07 -8.84 -40.60
CA SER C 24 7.94 -9.53 -39.64
C SER C 24 8.31 -8.66 -38.43
N ASN C 25 8.24 -7.33 -38.59
CA ASN C 25 8.52 -6.37 -37.53
C ASN C 25 7.23 -5.77 -36.89
N PHE C 26 6.08 -6.42 -37.10
CA PHE C 26 4.77 -5.85 -36.71
C PHE C 26 4.59 -5.64 -35.20
N ALA C 27 5.22 -6.50 -34.40
CA ALA C 27 5.19 -6.42 -32.93
C ALA C 27 6.37 -5.64 -32.32
N SER C 28 7.13 -4.91 -33.14
CA SER C 28 8.25 -4.09 -32.66
C SER C 28 7.84 -2.62 -32.45
N PHE C 29 8.42 -2.00 -31.42
CA PHE C 29 8.30 -0.55 -31.21
C PHE C 29 8.82 0.32 -32.38
N THR C 30 9.67 -0.24 -33.24
CA THR C 30 10.14 0.49 -34.43
C THR C 30 9.14 0.51 -35.60
N TYR C 31 8.09 -0.33 -35.55
CA TYR C 31 7.15 -0.42 -36.66
C TYR C 31 6.22 0.79 -36.68
N THR C 32 5.96 1.31 -37.88
CA THR C 32 5.08 2.46 -38.06
C THR C 32 3.78 1.95 -38.66
N PRO C 33 2.69 1.88 -37.85
CA PRO C 33 1.42 1.33 -38.36
C PRO C 33 0.80 2.10 -39.51
N ARG C 34 1.12 3.39 -39.65
CA ARG C 34 0.69 4.18 -40.81
C ARG C 34 1.29 3.72 -42.16
N SER C 35 2.36 2.93 -42.12
CA SER C 35 2.87 2.23 -43.31
C SER C 35 1.92 1.19 -43.89
N LEU C 36 1.03 0.65 -43.06
CA LEU C 36 0.07 -0.33 -43.53
C LEU C 36 -1.03 0.40 -44.32
N PRO C 37 -1.31 -0.05 -45.56
CA PRO C 37 -2.41 0.59 -46.31
C PRO C 37 -3.75 0.51 -45.57
N GLU C 38 -4.55 1.56 -45.71
CA GLU C 38 -5.81 1.70 -44.96
C GLU C 38 -6.77 0.52 -45.15
N ASP C 39 -6.81 -0.05 -46.35
CA ASP C 39 -7.67 -1.22 -46.64
C ASP C 39 -7.25 -2.54 -45.96
N ASP C 40 -6.05 -2.59 -45.38
CA ASP C 40 -5.59 -3.75 -44.60
C ASP C 40 -5.72 -3.59 -43.08
N THR C 41 -6.12 -2.40 -42.61
CA THR C 41 -6.12 -2.10 -41.17
C THR C 41 -7.16 -2.86 -40.37
N SER C 42 -8.34 -3.07 -40.94
CA SER C 42 -9.41 -3.83 -40.25
C SER C 42 -9.00 -5.29 -40.02
N MET C 43 -8.36 -5.90 -41.01
CA MET C 43 -7.81 -7.25 -40.87
C MET C 43 -6.68 -7.27 -39.82
N ALA C 44 -5.83 -6.23 -39.81
CA ALA C 44 -4.78 -6.10 -38.79
C ALA C 44 -5.36 -5.99 -37.36
N ILE C 45 -6.45 -5.25 -37.21
CA ILE C 45 -7.14 -5.19 -35.92
C ILE C 45 -7.53 -6.60 -35.48
N LEU C 46 -8.16 -7.36 -36.37
CA LEU C 46 -8.55 -8.74 -36.07
C LEU C 46 -7.34 -9.61 -35.73
N SER C 47 -6.29 -9.49 -36.53
CA SER C 47 -5.04 -10.23 -36.27
C SER C 47 -4.43 -9.94 -34.90
N MET C 48 -4.48 -8.68 -34.47
CA MET C 48 -3.97 -8.29 -33.15
C MET C 48 -4.80 -8.88 -32.01
N LEU C 49 -6.12 -8.77 -32.13
CA LEU C 49 -7.02 -9.38 -31.14
C LEU C 49 -6.83 -10.89 -31.03
N GLN C 50 -6.64 -11.55 -32.17
CA GLN C 50 -6.32 -12.98 -32.21
C GLN C 50 -4.97 -13.27 -31.54
N ASP C 51 -3.96 -12.46 -31.83
CA ASP C 51 -2.62 -12.68 -31.26
C ASP C 51 -2.56 -12.44 -29.75
N MET C 52 -3.39 -11.53 -29.24
CA MET C 52 -3.55 -11.33 -27.78
C MET C 52 -4.49 -12.38 -27.14
N ASN C 53 -5.05 -13.26 -27.97
CA ASN C 53 -5.97 -14.32 -27.57
C ASN C 53 -7.32 -13.86 -27.02
N PHE C 54 -7.72 -12.62 -27.26
CA PHE C 54 -8.98 -12.12 -26.71
C PHE C 54 -10.21 -12.74 -27.38
N ILE C 55 -10.08 -13.15 -28.64
CA ILE C 55 -11.18 -13.77 -29.37
C ILE C 55 -11.57 -15.10 -28.71
N ASN C 56 -10.58 -15.95 -28.44
CA ASN C 56 -10.80 -17.23 -27.73
C ASN C 56 -11.10 -17.05 -26.24
N ASN C 57 -10.39 -16.12 -25.59
CA ASN C 57 -10.58 -15.84 -24.17
C ASN C 57 -12.03 -15.45 -23.87
N TYR C 58 -12.55 -14.48 -24.62
CA TYR C 58 -13.91 -13.97 -24.40
C TYR C 58 -14.95 -14.55 -25.35
N LYS C 59 -14.58 -15.56 -26.13
CA LYS C 59 -15.50 -16.25 -27.03
C LYS C 59 -16.27 -15.27 -27.92
N ILE C 60 -15.51 -14.34 -28.52
CA ILE C 60 -16.10 -13.28 -29.33
C ILE C 60 -16.55 -13.88 -30.66
N ASP C 61 -17.76 -13.57 -31.07
CA ASP C 61 -18.27 -14.04 -32.35
C ASP C 61 -17.53 -13.30 -33.44
N CYS C 62 -16.89 -14.03 -34.35
CA CYS C 62 -16.01 -13.42 -35.37
C CYS C 62 -16.75 -12.53 -36.37
N PRO C 63 -17.91 -12.97 -36.89
CA PRO C 63 -18.77 -12.08 -37.70
C PRO C 63 -19.17 -10.76 -37.00
N THR C 64 -19.53 -10.86 -35.72
CA THR C 64 -19.88 -9.70 -34.90
C THR C 64 -18.68 -8.80 -34.73
N LEU C 65 -17.52 -9.37 -34.46
CA LEU C 65 -16.27 -8.60 -34.34
C LEU C 65 -15.90 -7.90 -35.64
N ALA C 66 -16.06 -8.58 -36.78
CA ALA C 66 -15.79 -7.97 -38.08
C ALA C 66 -16.72 -6.78 -38.32
N ARG C 67 -18.01 -6.97 -38.09
CA ARG C 67 -19.01 -5.91 -38.19
C ARG C 67 -18.70 -4.74 -37.25
N PHE C 68 -18.34 -5.05 -36.01
CA PHE C 68 -17.95 -4.03 -35.03
C PHE C 68 -16.78 -3.20 -35.54
N CYS C 69 -15.71 -3.87 -35.96
CA CYS C 69 -14.50 -3.20 -36.45
C CYS C 69 -14.76 -2.27 -37.62
N LEU C 70 -15.56 -2.73 -38.58
CA LEU C 70 -15.92 -1.91 -39.73
C LEU C 70 -16.82 -0.73 -39.35
N MET C 71 -17.74 -0.93 -38.41
CA MET C 71 -18.55 0.18 -37.89
C MET C 71 -17.73 1.25 -37.18
N VAL C 72 -16.75 0.82 -36.38
CA VAL C 72 -15.85 1.74 -35.70
C VAL C 72 -15.06 2.53 -36.75
N LYS C 73 -14.48 1.84 -37.72
CA LYS C 73 -13.78 2.48 -38.86
C LYS C 73 -14.66 3.51 -39.55
N LYS C 74 -15.89 3.12 -39.89
CA LYS C 74 -16.88 4.03 -40.49
C LYS C 74 -17.29 5.23 -39.62
N GLY C 75 -17.16 5.10 -38.31
CA GLY C 75 -17.50 6.17 -37.36
C GLY C 75 -16.47 7.27 -37.21
N TYR C 76 -15.32 7.12 -37.86
CA TYR C 76 -14.35 8.20 -38.00
C TYR C 76 -14.64 9.01 -39.26
N ARG C 77 -14.56 10.32 -39.10
CA ARG C 77 -14.66 11.25 -40.23
C ARG C 77 -13.24 11.37 -40.82
N ASP C 78 -13.04 12.32 -41.74
CA ASP C 78 -11.75 12.45 -42.41
C ASP C 78 -11.09 13.82 -42.23
N PRO C 79 -10.99 14.30 -40.97
CA PRO C 79 -10.15 15.47 -40.80
C PRO C 79 -8.67 15.06 -40.93
N PRO C 80 -7.74 16.03 -40.97
CA PRO C 80 -6.36 15.67 -41.30
C PRO C 80 -5.71 14.68 -40.33
N TYR C 81 -5.95 14.83 -39.03
CA TYR C 81 -5.34 13.94 -38.02
C TYR C 81 -6.31 12.96 -37.38
N HIS C 82 -7.43 13.45 -36.88
CA HIS C 82 -8.34 12.62 -36.07
C HIS C 82 -9.26 11.75 -36.91
N ASN C 83 -8.65 10.84 -37.64
CA ASN C 83 -9.32 9.97 -38.59
C ASN C 83 -9.04 8.53 -38.17
N TRP C 84 -9.57 7.58 -38.93
CA TRP C 84 -9.38 6.16 -38.63
C TRP C 84 -7.92 5.76 -38.48
N MET C 85 -7.04 6.27 -39.35
CA MET C 85 -5.62 5.90 -39.26
C MET C 85 -4.98 6.32 -37.95
N HIS C 86 -5.47 7.38 -37.33
CA HIS C 86 -5.06 7.70 -35.96
C HIS C 86 -5.52 6.62 -34.98
N ALA C 87 -6.80 6.29 -35.01
CA ALA C 87 -7.36 5.25 -34.13
C ALA C 87 -6.65 3.91 -34.31
N PHE C 88 -6.40 3.54 -35.56
CA PHE C 88 -5.65 2.31 -35.86
C PHE C 88 -4.24 2.34 -35.27
N SER C 89 -3.54 3.43 -35.49
CA SER C 89 -2.19 3.61 -34.96
C SER C 89 -2.11 3.55 -33.43
N VAL C 90 -3.11 4.14 -32.77
CA VAL C 90 -3.21 4.11 -31.31
C VAL C 90 -3.46 2.69 -30.81
N SER C 91 -4.37 1.98 -31.47
CA SER C 91 -4.68 0.58 -31.16
C SER C 91 -3.46 -0.32 -31.39
N HIS C 92 -2.74 -0.07 -32.49
CA HIS C 92 -1.52 -0.79 -32.73
C HIS C 92 -0.51 -0.62 -31.58
N PHE C 93 -0.37 0.61 -31.09
CA PHE C 93 0.56 0.86 -29.98
C PHE C 93 0.15 0.10 -28.71
N CYS C 94 -1.15 0.05 -28.44
CA CYS C 94 -1.67 -0.73 -27.32
C CYS C 94 -1.25 -2.21 -27.43
N TYR C 95 -1.39 -2.75 -28.64
CA TYR C 95 -0.88 -4.08 -28.96
C TYR C 95 0.63 -4.20 -28.71
N LEU C 96 1.42 -3.20 -29.11
CA LEU C 96 2.86 -3.20 -28.85
C LEU C 96 3.19 -3.24 -27.36
N LEU C 97 2.44 -2.47 -26.56
CA LEU C 97 2.63 -2.46 -25.12
C LEU C 97 2.36 -3.84 -24.53
N TYR C 98 1.30 -4.47 -25.01
CA TYR C 98 0.98 -5.84 -24.63
C TYR C 98 2.14 -6.79 -24.98
N LYS C 99 2.62 -6.72 -26.22
CA LYS C 99 3.66 -7.64 -26.70
C LYS C 99 5.03 -7.41 -26.09
N ASN C 100 5.35 -6.17 -25.73
CA ASN C 100 6.70 -5.79 -25.28
C ASN C 100 6.87 -5.57 -23.78
N LEU C 101 5.81 -5.15 -23.09
CA LEU C 101 5.89 -4.83 -21.64
C LEU C 101 5.28 -5.89 -20.73
N GLU C 102 4.63 -6.91 -21.29
CA GLU C 102 4.04 -8.00 -20.50
C GLU C 102 3.04 -7.42 -19.50
N LEU C 103 2.02 -6.79 -20.07
CA LEU C 103 0.95 -6.15 -19.32
C LEU C 103 0.16 -7.11 -18.43
N THR C 104 0.17 -8.40 -18.77
CA THR C 104 -0.50 -9.43 -17.96
C THR C 104 0.04 -9.56 -16.53
N ASN C 105 1.26 -9.09 -16.28
CA ASN C 105 1.82 -9.01 -14.90
C ASN C 105 1.27 -7.85 -14.06
N TYR C 106 0.57 -6.91 -14.71
CA TYR C 106 0.09 -5.69 -14.06
C TYR C 106 -1.44 -5.54 -14.08
N LEU C 107 -2.08 -5.95 -15.17
CA LEU C 107 -3.50 -5.73 -15.40
C LEU C 107 -4.24 -7.04 -15.65
N GLU C 108 -5.53 -7.03 -15.35
CA GLU C 108 -6.43 -8.14 -15.67
C GLU C 108 -6.66 -8.20 -17.17
N ASP C 109 -6.95 -9.41 -17.68
CA ASP C 109 -7.24 -9.60 -19.10
C ASP C 109 -8.38 -8.70 -19.59
N ILE C 110 -9.44 -8.58 -18.80
CA ILE C 110 -10.57 -7.71 -19.18
C ILE C 110 -10.17 -6.22 -19.26
N GLU C 111 -9.23 -5.80 -18.41
CA GLU C 111 -8.72 -4.43 -18.45
C GLU C 111 -7.89 -4.14 -19.70
N ILE C 112 -7.04 -5.10 -20.09
CA ILE C 112 -6.23 -4.97 -21.30
C ILE C 112 -7.13 -5.01 -22.54
N PHE C 113 -8.14 -5.88 -22.51
CA PHE C 113 -9.11 -5.95 -23.60
C PHE C 113 -9.87 -4.63 -23.74
N ALA C 114 -10.33 -4.09 -22.61
CA ALA C 114 -11.01 -2.78 -22.59
C ALA C 114 -10.13 -1.65 -23.14
N LEU C 115 -8.85 -1.68 -22.78
CA LEU C 115 -7.89 -0.69 -23.26
C LEU C 115 -7.79 -0.73 -24.79
N PHE C 116 -7.64 -1.92 -25.37
CA PHE C 116 -7.54 -2.05 -26.83
C PHE C 116 -8.80 -1.57 -27.55
N ILE C 117 -9.95 -1.99 -27.05
CA ILE C 117 -11.22 -1.57 -27.65
C ILE C 117 -11.40 -0.06 -27.46
N SER C 118 -10.99 0.46 -26.30
CA SER C 118 -11.06 1.91 -26.07
C SER C 118 -10.17 2.68 -27.06
N CYS C 119 -8.96 2.16 -27.31
CA CYS C 119 -8.07 2.74 -28.34
C CYS C 119 -8.74 2.87 -29.70
N MET C 120 -9.40 1.81 -30.14
CA MET C 120 -10.15 1.83 -31.41
C MET C 120 -11.22 2.92 -31.44
N CYS C 121 -11.91 3.11 -30.33
CA CYS C 121 -13.10 3.96 -30.23
C CYS C 121 -12.87 5.39 -29.72
N HIS C 122 -11.66 5.69 -29.24
CA HIS C 122 -11.47 6.82 -28.35
C HIS C 122 -11.63 8.21 -28.97
N ASP C 123 -11.60 8.31 -30.30
CA ASP C 123 -11.84 9.59 -31.02
C ASP C 123 -13.00 9.50 -32.02
N LEU C 124 -13.93 8.56 -31.80
CA LEU C 124 -15.04 8.36 -32.75
C LEU C 124 -15.80 9.64 -33.03
N ASP C 125 -16.06 9.89 -34.32
CA ASP C 125 -16.79 11.06 -34.79
C ASP C 125 -16.10 12.41 -34.46
N HIS C 126 -14.78 12.39 -34.31
CA HIS C 126 -14.03 13.63 -34.14
C HIS C 126 -14.21 14.49 -35.41
N ARG C 127 -14.36 15.79 -35.23
CA ARG C 127 -14.63 16.71 -36.35
C ARG C 127 -13.44 17.60 -36.72
N GLY C 128 -12.25 17.22 -36.26
CA GLY C 128 -11.10 18.10 -36.22
C GLY C 128 -11.19 19.38 -35.39
N THR C 129 -12.06 19.39 -34.38
CA THR C 129 -12.17 20.50 -33.45
C THR C 129 -12.04 20.01 -32.00
N ASN C 130 -11.58 20.89 -31.11
CA ASN C 130 -11.29 20.52 -29.73
C ASN C 130 -12.48 20.84 -28.81
N ASN C 131 -12.30 20.61 -27.49
CA ASN C 131 -13.38 20.79 -26.51
C ASN C 131 -13.83 22.24 -26.40
N SER C 132 -12.86 23.17 -26.39
CA SER C 132 -13.14 24.62 -26.37
C SER C 132 -14.00 25.07 -27.55
N PHE C 133 -13.75 24.55 -28.75
CA PHE C 133 -14.55 24.93 -29.94
C PHE C 133 -16.02 24.57 -29.78
N GLN C 134 -16.31 23.43 -29.14
CA GLN C 134 -17.69 22.96 -28.94
C GLN C 134 -18.50 23.94 -28.09
N GLY C 149 -17.58 18.78 -18.41
CA GLY C 149 -16.24 18.71 -18.96
C GLY C 149 -16.02 17.58 -19.96
N SER C 150 -14.82 17.55 -20.56
CA SER C 150 -14.43 16.51 -21.53
C SER C 150 -15.49 16.26 -22.59
N VAL C 151 -15.94 17.34 -23.23
CA VAL C 151 -17.06 17.30 -24.17
C VAL C 151 -16.87 16.23 -25.26
N MET C 152 -15.77 16.32 -26.00
CA MET C 152 -15.54 15.39 -27.10
C MET C 152 -15.36 13.95 -26.62
N GLU C 153 -14.71 13.77 -25.48
CA GLU C 153 -14.41 12.43 -24.97
C GLU C 153 -15.69 11.72 -24.51
N ARG C 154 -16.62 12.47 -23.93
CA ARG C 154 -17.95 11.94 -23.62
C ARG C 154 -18.70 11.56 -24.89
N HIS C 155 -18.57 12.38 -25.94
CA HIS C 155 -19.16 12.06 -27.25
C HIS C 155 -18.54 10.80 -27.86
N HIS C 156 -17.23 10.66 -27.78
CA HIS C 156 -16.55 9.46 -28.33
C HIS C 156 -17.07 8.20 -27.65
N PHE C 157 -17.20 8.27 -26.33
CA PHE C 157 -17.77 7.17 -25.57
C PHE C 157 -19.22 6.89 -25.98
N ALA C 158 -20.04 7.93 -26.07
CA ALA C 158 -21.45 7.75 -26.49
C ALA C 158 -21.56 7.11 -27.88
N GLN C 159 -20.67 7.49 -28.80
CA GLN C 159 -20.60 6.88 -30.13
C GLN C 159 -20.25 5.40 -30.07
N ALA C 160 -19.29 5.05 -29.22
CA ALA C 160 -18.90 3.64 -29.01
C ALA C 160 -20.08 2.81 -28.50
N ILE C 161 -20.83 3.38 -27.55
CA ILE C 161 -22.06 2.75 -27.03
C ILE C 161 -23.10 2.53 -28.14
N ALA C 162 -23.32 3.55 -28.98
CA ALA C 162 -24.27 3.47 -30.10
C ALA C 162 -23.88 2.38 -31.11
N ILE C 163 -22.58 2.20 -31.35
CA ILE C 163 -22.09 1.10 -32.21
C ILE C 163 -22.40 -0.26 -31.57
N LEU C 164 -22.07 -0.42 -30.30
CA LEU C 164 -22.33 -1.67 -29.57
C LEU C 164 -23.80 -2.04 -29.59
N ASN C 165 -24.68 -1.04 -29.51
CA ASN C 165 -26.12 -1.25 -29.56
C ASN C 165 -26.73 -1.18 -30.97
N THR C 166 -25.89 -1.20 -32.00
CA THR C 166 -26.33 -1.41 -33.37
C THR C 166 -26.41 -2.91 -33.59
N HIS C 167 -27.52 -3.36 -34.19
CA HIS C 167 -27.75 -4.78 -34.45
C HIS C 167 -26.57 -5.43 -35.19
N GLY C 168 -26.11 -6.56 -34.66
CA GLY C 168 -25.02 -7.33 -35.27
C GLY C 168 -23.62 -6.91 -34.88
N CYS C 169 -23.49 -5.87 -34.06
CA CYS C 169 -22.19 -5.28 -33.69
C CYS C 169 -21.84 -5.39 -32.21
N ASN C 170 -22.69 -6.00 -31.39
CA ASN C 170 -22.37 -6.07 -29.97
C ASN C 170 -21.44 -7.22 -29.68
N ILE C 171 -20.14 -6.94 -29.72
CA ILE C 171 -19.12 -7.93 -29.37
C ILE C 171 -19.17 -8.43 -27.92
N PHE C 172 -19.87 -7.71 -27.03
CA PHE C 172 -20.02 -8.10 -25.62
C PHE C 172 -21.40 -8.64 -25.26
N ASP C 173 -22.26 -8.97 -26.23
CA ASP C 173 -23.64 -9.36 -25.91
C ASP C 173 -23.81 -10.73 -25.23
N HIS C 174 -22.76 -11.54 -25.26
CA HIS C 174 -22.68 -12.82 -24.53
C HIS C 174 -21.96 -12.69 -23.17
N PHE C 175 -21.43 -11.50 -22.85
CA PHE C 175 -20.80 -11.26 -21.55
C PHE C 175 -21.84 -11.38 -20.46
N SER C 176 -21.39 -11.80 -19.27
CA SER C 176 -22.24 -11.75 -18.08
C SER C 176 -22.60 -10.29 -17.80
N ARG C 177 -23.69 -10.10 -17.07
CA ARG C 177 -24.15 -8.78 -16.62
C ARG C 177 -23.03 -8.02 -15.87
N LYS C 178 -22.33 -8.73 -15.01
CA LYS C 178 -21.17 -8.20 -14.28
C LYS C 178 -20.03 -7.76 -15.23
N ASP C 179 -19.61 -8.67 -16.12
CA ASP C 179 -18.52 -8.36 -17.07
C ASP C 179 -18.91 -7.29 -18.09
N TYR C 180 -20.19 -7.24 -18.46
CA TYR C 180 -20.69 -6.25 -19.39
C TYR C 180 -20.57 -4.84 -18.79
N GLN C 181 -21.07 -4.67 -17.57
CA GLN C 181 -20.94 -3.40 -16.85
C GLN C 181 -19.48 -3.01 -16.57
N ARG C 182 -18.64 -3.97 -16.22
CA ARG C 182 -17.20 -3.75 -16.07
C ARG C 182 -16.59 -3.18 -17.36
N MET C 183 -16.90 -3.81 -18.49
CA MET C 183 -16.37 -3.42 -19.80
C MET C 183 -16.82 -2.01 -20.17
N LEU C 184 -18.11 -1.72 -19.98
CA LEU C 184 -18.64 -0.36 -20.20
C LEU C 184 -18.00 0.69 -19.27
N ASP C 185 -17.85 0.37 -17.99
CA ASP C 185 -17.17 1.27 -17.04
C ASP C 185 -15.71 1.52 -17.40
N LEU C 186 -15.00 0.45 -17.78
CA LEU C 186 -13.60 0.57 -18.22
C LEU C 186 -13.47 1.44 -19.46
N MET C 187 -14.30 1.17 -20.46
CA MET C 187 -14.30 1.96 -21.69
C MET C 187 -14.56 3.45 -21.44
N ARG C 188 -15.53 3.75 -20.58
CA ARG C 188 -15.82 5.15 -20.23
C ARG C 188 -14.62 5.83 -19.58
N ASP C 189 -14.06 5.18 -18.56
CA ASP C 189 -12.92 5.76 -17.82
C ASP C 189 -11.68 5.91 -18.70
N ILE C 190 -11.42 4.93 -19.56
CA ILE C 190 -10.26 4.95 -20.43
C ILE C 190 -10.40 6.04 -21.51
N ILE C 191 -11.56 6.11 -22.15
CA ILE C 191 -11.80 7.16 -23.14
C ILE C 191 -11.76 8.56 -22.51
N LEU C 192 -12.31 8.72 -21.31
CA LEU C 192 -12.23 9.99 -20.59
C LEU C 192 -10.81 10.39 -20.20
N ALA C 193 -9.93 9.41 -20.02
CA ALA C 193 -8.52 9.64 -19.73
C ALA C 193 -7.74 10.25 -20.89
N THR C 194 -8.30 10.25 -22.10
CA THR C 194 -7.66 10.87 -23.27
C THR C 194 -7.79 12.41 -23.31
N ASP C 195 -8.58 12.99 -22.41
CA ASP C 195 -8.63 14.44 -22.24
C ASP C 195 -7.39 14.87 -21.47
N LEU C 196 -6.63 15.78 -22.04
CA LEU C 196 -5.45 16.32 -21.37
C LEU C 196 -5.74 16.85 -19.97
N ALA C 197 -6.91 17.49 -19.80
CA ALA C 197 -7.34 18.00 -18.51
C ALA C 197 -7.39 16.91 -17.43
N HIS C 198 -7.89 15.73 -17.81
CA HIS C 198 -7.96 14.57 -16.91
C HIS C 198 -6.55 14.12 -16.53
N HIS C 199 -5.70 13.95 -17.53
CA HIS C 199 -4.29 13.58 -17.31
C HIS C 199 -3.58 14.51 -16.35
N LEU C 200 -3.80 15.81 -16.51
CA LEU C 200 -3.17 16.79 -15.63
C LEU C 200 -3.70 16.73 -14.21
N ARG C 201 -4.99 16.41 -14.04
CA ARG C 201 -5.57 16.21 -12.70
C ARG C 201 -4.97 15.00 -11.97
N ILE C 202 -4.78 13.89 -12.69
CA ILE C 202 -4.25 12.66 -12.08
C ILE C 202 -2.72 12.57 -12.07
N PHE C 203 -2.02 13.57 -12.61
CA PHE C 203 -0.57 13.49 -12.82
C PHE C 203 0.20 13.22 -11.51
N LYS C 204 -0.15 13.92 -10.43
CA LYS C 204 0.49 13.70 -9.12
C LYS C 204 0.25 12.29 -8.58
N ASP C 205 -0.93 11.74 -8.84
CA ASP C 205 -1.23 10.34 -8.47
C ASP C 205 -0.40 9.35 -9.30
N LEU C 206 -0.22 9.63 -10.58
CA LEU C 206 0.66 8.83 -11.45
C LEU C 206 2.11 8.85 -10.96
N GLN C 207 2.62 10.04 -10.65
CA GLN C 207 3.99 10.19 -10.13
C GLN C 207 4.21 9.41 -8.83
N LYS C 208 3.24 9.51 -7.93
CA LYS C 208 3.24 8.80 -6.65
C LYS C 208 3.35 7.28 -6.87
N MET C 209 2.47 6.74 -7.72
CA MET C 209 2.47 5.32 -8.09
C MET C 209 3.81 4.88 -8.68
N ALA C 210 4.33 5.65 -9.64
CA ALA C 210 5.64 5.38 -10.23
C ALA C 210 6.73 5.32 -9.17
N GLU C 211 6.69 6.27 -8.21
CA GLU C 211 7.66 6.34 -7.10
C GLU C 211 7.62 5.17 -6.14
N VAL C 212 6.45 4.94 -5.56
CA VAL C 212 6.26 3.86 -4.58
C VAL C 212 6.35 2.46 -5.20
N GLY C 213 6.00 2.35 -6.48
CA GLY C 213 6.01 1.08 -7.20
C GLY C 213 4.59 0.58 -7.41
N TYR C 214 4.35 -0.04 -8.56
CA TYR C 214 3.04 -0.60 -8.87
C TYR C 214 2.72 -1.77 -7.93
N ASP C 215 1.43 -1.87 -7.58
CA ASP C 215 0.93 -2.82 -6.62
C ASP C 215 -0.27 -3.43 -7.33
N ARG C 216 -0.12 -4.67 -7.77
CA ARG C 216 -1.16 -5.34 -8.54
C ARG C 216 -2.44 -5.58 -7.72
N ASN C 217 -2.34 -5.53 -6.39
CA ASN C 217 -3.52 -5.66 -5.50
C ASN C 217 -4.22 -4.34 -5.16
N ASN C 218 -3.71 -3.22 -5.68
CA ASN C 218 -4.27 -1.90 -5.46
C ASN C 218 -5.12 -1.51 -6.67
N LYS C 219 -6.43 -1.43 -6.47
CA LYS C 219 -7.35 -1.19 -7.59
C LYS C 219 -7.19 0.23 -8.19
N GLN C 220 -6.81 1.20 -7.36
CA GLN C 220 -6.46 2.56 -7.81
C GLN C 220 -5.27 2.54 -8.78
N HIS C 221 -4.27 1.72 -8.47
CA HIS C 221 -3.11 1.56 -9.34
C HIS C 221 -3.50 0.99 -10.72
N HIS C 222 -4.40 0.02 -10.75
CA HIS C 222 -4.95 -0.48 -12.02
C HIS C 222 -5.58 0.65 -12.84
N ARG C 223 -6.44 1.43 -12.18
CA ARG C 223 -7.15 2.54 -12.82
C ARG C 223 -6.18 3.61 -13.35
N LEU C 224 -5.22 3.99 -12.51
CA LEU C 224 -4.19 4.95 -12.91
C LEU C 224 -3.31 4.45 -14.05
N LEU C 225 -2.90 3.17 -13.98
CA LEU C 225 -2.06 2.59 -15.05
C LEU C 225 -2.79 2.57 -16.38
N LEU C 226 -4.08 2.21 -16.38
CA LEU C 226 -4.87 2.23 -17.62
C LEU C 226 -4.95 3.60 -18.25
N CYS C 227 -5.14 4.63 -17.41
CA CYS C 227 -5.11 6.03 -17.88
C CYS C 227 -3.76 6.37 -18.52
N LEU C 228 -2.67 6.06 -17.81
CA LEU C 228 -1.32 6.33 -18.34
C LEU C 228 -1.09 5.62 -19.67
N LEU C 229 -1.42 4.32 -19.70
CA LEU C 229 -1.24 3.54 -20.93
C LEU C 229 -2.05 4.13 -22.10
N MET C 230 -3.29 4.52 -21.85
CA MET C 230 -4.13 5.12 -22.89
C MET C 230 -3.49 6.39 -23.46
N THR C 231 -3.03 7.26 -22.57
CA THR C 231 -2.36 8.50 -23.01
C THR C 231 -1.05 8.20 -23.77
N SER C 232 -0.35 7.13 -23.36
CA SER C 232 0.88 6.68 -24.00
C SER C 232 0.56 6.22 -25.44
N CYS C 233 -0.59 5.58 -25.62
CA CYS C 233 -1.07 5.16 -26.94
C CYS C 233 -1.51 6.34 -27.80
N ASP C 234 -2.24 7.28 -27.19
CA ASP C 234 -2.75 8.46 -27.91
C ASP C 234 -1.61 9.31 -28.52
N LEU C 235 -0.48 9.42 -27.80
CA LEU C 235 0.67 10.23 -28.22
C LEU C 235 1.78 9.41 -28.89
N SER C 236 1.52 8.15 -29.23
CA SER C 236 2.56 7.23 -29.70
C SER C 236 3.25 7.60 -31.04
N ASP C 237 2.64 8.49 -31.82
CA ASP C 237 3.33 9.05 -33.00
C ASP C 237 4.66 9.74 -32.65
N GLN C 238 4.77 10.22 -31.40
CA GLN C 238 6.00 10.86 -30.93
C GLN C 238 7.14 9.88 -30.62
N THR C 239 6.85 8.58 -30.57
CA THR C 239 7.81 7.53 -30.20
C THR C 239 8.44 6.83 -31.40
N LYS C 240 8.08 7.25 -32.61
CA LYS C 240 8.60 6.67 -33.84
C LYS C 240 9.80 7.50 -34.33
N GLY C 241 10.11 7.47 -35.63
CA GLY C 241 11.19 8.28 -36.17
C GLY C 241 10.79 9.71 -36.45
N TRP C 242 11.76 10.49 -36.92
CA TRP C 242 11.56 11.89 -37.31
C TRP C 242 10.43 12.05 -38.33
N LYS C 243 10.41 11.17 -39.34
CA LYS C 243 9.42 11.18 -40.44
C LYS C 243 7.97 11.22 -39.93
N THR C 244 7.70 10.40 -38.91
CA THR C 244 6.37 10.30 -38.32
C THR C 244 6.01 11.54 -37.52
N THR C 245 6.87 11.95 -36.60
CA THR C 245 6.60 13.14 -35.77
C THR C 245 6.44 14.41 -36.65
N ARG C 246 7.25 14.53 -37.70
CA ARG C 246 7.14 15.65 -38.64
C ARG C 246 5.83 15.61 -39.44
N LYS C 247 5.52 14.44 -40.01
CA LYS C 247 4.28 14.29 -40.80
C LYS C 247 3.02 14.45 -39.94
N ILE C 248 3.04 13.90 -38.72
CA ILE C 248 1.89 14.04 -37.81
C ILE C 248 1.73 15.49 -37.36
N ALA C 249 2.84 16.19 -37.10
CA ALA C 249 2.79 17.63 -36.80
C ALA C 249 2.06 18.39 -37.90
N GLU C 250 2.43 18.12 -39.15
CA GLU C 250 1.72 18.70 -40.30
C GLU C 250 0.20 18.50 -40.24
N LEU C 251 -0.24 17.27 -39.94
CA LEU C 251 -1.67 16.96 -39.88
C LEU C 251 -2.32 17.68 -38.71
N ILE C 252 -1.63 17.66 -37.56
CA ILE C 252 -2.09 18.33 -36.34
C ILE C 252 -2.30 19.83 -36.58
N TYR C 253 -1.29 20.51 -37.10
CA TYR C 253 -1.40 21.95 -37.31
C TYR C 253 -2.43 22.31 -38.40
N LYS C 254 -2.55 21.48 -39.44
CA LYS C 254 -3.63 21.61 -40.44
C LYS C 254 -5.00 21.64 -39.77
N GLU C 255 -5.20 20.72 -38.83
CA GLU C 255 -6.43 20.64 -38.07
C GLU C 255 -6.64 21.86 -37.17
N PHE C 256 -5.63 22.17 -36.38
CA PHE C 256 -5.68 23.33 -35.49
C PHE C 256 -6.02 24.63 -36.23
N PHE C 257 -5.33 24.86 -37.34
CA PHE C 257 -5.49 26.11 -38.08
C PHE C 257 -6.83 26.16 -38.82
N SER C 258 -7.33 25.01 -39.27
CA SER C 258 -8.69 24.91 -39.82
C SER C 258 -9.74 25.33 -38.78
N GLN C 259 -9.56 24.89 -37.54
CA GLN C 259 -10.45 25.30 -36.45
C GLN C 259 -10.38 26.82 -36.24
N GLY C 260 -9.18 27.37 -36.17
CA GLY C 260 -8.98 28.80 -35.99
C GLY C 260 -9.64 29.61 -37.07
N ASP C 261 -9.52 29.15 -38.32
CA ASP C 261 -10.20 29.77 -39.46
C ASP C 261 -11.72 29.79 -39.27
N LEU C 262 -12.28 28.67 -38.81
CA LEU C 262 -13.71 28.60 -38.53
C LEU C 262 -14.10 29.57 -37.39
N GLU C 263 -13.30 29.64 -36.32
CA GLU C 263 -13.54 30.55 -35.20
C GLU C 263 -13.54 32.02 -35.65
N LYS C 264 -12.56 32.38 -36.47
CA LYS C 264 -12.48 33.73 -37.06
C LYS C 264 -13.71 34.05 -37.91
N ALA C 265 -14.15 33.09 -38.74
CA ALA C 265 -15.37 33.25 -39.55
C ALA C 265 -16.65 33.44 -38.70
N MET C 266 -16.68 32.82 -37.53
CA MET C 266 -17.75 33.03 -36.54
C MET C 266 -17.65 34.35 -35.76
N GLY C 267 -16.53 35.08 -35.90
CA GLY C 267 -16.32 36.34 -35.20
C GLY C 267 -15.55 36.25 -33.90
N ASN C 268 -15.17 35.03 -33.50
CA ASN C 268 -14.48 34.79 -32.23
C ASN C 268 -12.97 34.86 -32.39
N ARG C 269 -12.28 35.00 -31.27
CA ARG C 269 -10.82 35.09 -31.21
C ARG C 269 -10.23 33.72 -30.88
N PRO C 270 -9.54 33.07 -31.84
CA PRO C 270 -8.92 31.78 -31.53
C PRO C 270 -7.65 31.90 -30.70
N MET C 271 -7.34 30.87 -29.90
CA MET C 271 -6.04 30.75 -29.22
C MET C 271 -4.90 30.86 -30.22
N GLU C 272 -3.74 31.34 -29.77
CA GLU C 272 -2.58 31.48 -30.66
C GLU C 272 -2.24 30.18 -31.41
N MET C 273 -2.33 29.02 -30.74
CA MET C 273 -1.97 27.75 -31.39
C MET C 273 -2.96 27.33 -32.48
N MET C 274 -4.18 27.90 -32.48
CA MET C 274 -5.18 27.68 -33.55
C MET C 274 -5.16 28.74 -34.66
N ASP C 275 -4.38 29.81 -34.47
CA ASP C 275 -4.35 30.94 -35.40
C ASP C 275 -3.11 30.84 -36.28
N ARG C 276 -3.31 30.52 -37.55
CA ARG C 276 -2.20 30.37 -38.50
C ARG C 276 -1.35 31.65 -38.71
N GLU C 277 -1.90 32.81 -38.37
CA GLU C 277 -1.16 34.06 -38.45
C GLU C 277 -0.37 34.39 -37.18
N LYS C 278 -0.60 33.65 -36.08
CA LYS C 278 0.13 33.85 -34.82
C LYS C 278 0.94 32.65 -34.33
N ALA C 279 0.48 31.43 -34.61
CA ALA C 279 1.15 30.19 -34.19
C ALA C 279 2.59 30.13 -34.68
N TYR C 280 3.52 29.87 -33.77
CA TYR C 280 4.91 29.60 -34.12
C TYR C 280 5.18 28.12 -33.77
N ILE C 281 5.18 27.28 -34.82
CA ILE C 281 5.22 25.82 -34.65
C ILE C 281 6.36 25.29 -33.76
N PRO C 282 7.60 25.76 -33.95
CA PRO C 282 8.69 25.22 -33.11
C PRO C 282 8.43 25.33 -31.61
N GLU C 283 8.01 26.52 -31.19
CA GLU C 283 7.68 26.80 -29.78
C GLU C 283 6.53 25.90 -29.28
N LEU C 284 5.45 25.84 -30.05
CA LEU C 284 4.29 25.02 -29.70
C LEU C 284 4.65 23.53 -29.64
N GLN C 285 5.38 23.05 -30.64
CA GLN C 285 5.77 21.63 -30.73
C GLN C 285 6.72 21.20 -29.62
N ILE C 286 7.76 22.01 -29.39
CA ILE C 286 8.74 21.73 -28.33
C ILE C 286 8.08 21.75 -26.94
N SER C 287 7.18 22.71 -26.68
CA SER C 287 6.48 22.77 -25.39
C SER C 287 5.61 21.55 -25.18
N PHE C 288 4.84 21.19 -26.21
CA PHE C 288 4.04 19.97 -26.18
C PHE C 288 4.90 18.74 -25.86
N MET C 289 6.05 18.63 -26.53
CA MET C 289 6.91 17.47 -26.31
C MET C 289 7.57 17.44 -24.92
N GLU C 290 8.07 18.59 -24.47
CA GLU C 290 8.72 18.68 -23.16
C GLU C 290 7.77 18.53 -21.98
N HIS C 291 6.61 19.16 -22.08
CA HIS C 291 5.72 19.32 -20.93
C HIS C 291 4.51 18.40 -20.91
N ILE C 292 4.17 17.78 -22.05
CA ILE C 292 3.05 16.85 -22.13
C ILE C 292 3.54 15.44 -22.50
N ALA C 293 4.14 15.29 -23.69
CA ALA C 293 4.55 13.97 -24.17
C ALA C 293 5.66 13.29 -23.34
N MET C 294 6.78 13.98 -23.15
CA MET C 294 7.94 13.36 -22.46
C MET C 294 7.67 12.86 -21.03
N PRO C 295 6.93 13.64 -20.21
CA PRO C 295 6.62 13.15 -18.87
C PRO C 295 5.75 11.89 -18.82
N ILE C 296 4.86 11.73 -19.80
CA ILE C 296 4.08 10.50 -19.93
C ILE C 296 5.00 9.30 -20.17
N TYR C 297 5.92 9.42 -21.14
CA TYR C 297 6.84 8.32 -21.45
C TYR C 297 7.91 8.12 -20.37
N LYS C 298 8.22 9.18 -19.62
CA LYS C 298 9.08 9.08 -18.42
C LYS C 298 8.41 8.24 -17.34
N LEU C 299 7.15 8.53 -17.04
CA LEU C 299 6.36 7.71 -16.09
C LEU C 299 6.27 6.26 -16.54
N LEU C 300 6.02 6.06 -17.84
CA LEU C 300 5.94 4.71 -18.42
C LEU C 300 7.26 3.96 -18.26
N GLN C 301 8.37 4.66 -18.50
CA GLN C 301 9.71 4.12 -18.23
C GLN C 301 9.95 3.76 -16.76
N ASP C 302 9.50 4.63 -15.85
CA ASP C 302 9.63 4.39 -14.40
C ASP C 302 8.90 3.12 -13.99
N LEU C 303 7.72 2.88 -14.55
CA LEU C 303 6.91 1.69 -14.26
C LEU C 303 7.33 0.44 -15.04
N PHE C 304 7.86 0.62 -16.26
CA PHE C 304 8.33 -0.48 -17.10
C PHE C 304 9.72 -0.13 -17.65
N PRO C 305 10.79 -0.71 -17.07
CA PRO C 305 12.13 -0.47 -17.62
C PRO C 305 12.25 -0.68 -19.14
N LYS C 306 11.53 -1.67 -19.67
CA LYS C 306 11.52 -1.98 -21.11
C LYS C 306 10.86 -0.92 -22.00
N ALA C 307 10.17 0.05 -21.39
CA ALA C 307 9.66 1.23 -22.09
C ALA C 307 10.71 2.35 -22.24
N ALA C 308 11.94 2.13 -21.78
CA ALA C 308 12.99 3.16 -21.84
C ALA C 308 13.24 3.70 -23.25
N GLU C 309 13.24 2.79 -24.23
CA GLU C 309 13.48 3.18 -25.64
C GLU C 309 12.42 4.14 -26.20
N LEU C 310 11.21 4.10 -25.65
CA LEU C 310 10.14 5.02 -26.03
C LEU C 310 10.44 6.44 -25.58
N TYR C 311 10.79 6.61 -24.30
CA TYR C 311 11.18 7.92 -23.76
C TYR C 311 12.36 8.51 -24.52
N GLU C 312 13.36 7.67 -24.77
CA GLU C 312 14.57 8.09 -25.50
C GLU C 312 14.24 8.57 -26.92
N ARG C 313 13.32 7.88 -27.59
CA ARG C 313 12.88 8.28 -28.94
C ARG C 313 12.09 9.59 -28.93
N VAL C 314 11.27 9.82 -27.91
CA VAL C 314 10.54 11.09 -27.78
C VAL C 314 11.51 12.24 -27.52
N ALA C 315 12.47 12.04 -26.62
CA ALA C 315 13.50 13.04 -26.31
C ALA C 315 14.37 13.35 -27.52
N SER C 316 14.71 12.30 -28.26
CA SER C 316 15.46 12.43 -29.52
C SER C 316 14.69 13.23 -30.59
N ASN C 317 13.41 12.93 -30.74
CA ASN C 317 12.55 13.68 -31.67
C ASN C 317 12.42 15.14 -31.27
N ARG C 318 12.31 15.40 -29.97
CA ARG C 318 12.29 16.77 -29.50
C ARG C 318 13.57 17.53 -29.82
N GLU C 319 14.72 16.90 -29.56
CA GLU C 319 16.02 17.46 -29.96
C GLU C 319 16.05 17.79 -31.45
N HIS C 320 15.48 16.90 -32.27
CA HIS C 320 15.41 17.13 -33.72
C HIS C 320 14.57 18.38 -34.05
N TRP C 321 13.45 18.57 -33.37
CA TRP C 321 12.63 19.79 -33.52
C TRP C 321 13.40 21.06 -33.18
N THR C 322 14.18 21.02 -32.09
CA THR C 322 15.06 22.13 -31.73
C THR C 322 16.08 22.42 -32.84
N LYS C 323 16.69 21.37 -33.38
CA LYS C 323 17.69 21.49 -34.46
C LYS C 323 17.15 22.14 -35.73
N VAL C 324 15.90 21.83 -36.09
CA VAL C 324 15.30 22.40 -37.32
C VAL C 324 14.46 23.68 -37.09
N SER C 325 14.36 24.14 -35.83
CA SER C 325 13.62 25.38 -35.50
C SER C 325 14.02 26.58 -36.38
N HIS C 326 15.32 26.75 -36.61
CA HIS C 326 15.84 27.85 -37.45
C HIS C 326 15.23 27.93 -38.87
N LYS C 327 14.74 26.80 -39.39
CA LYS C 327 14.17 26.74 -40.74
C LYS C 327 12.84 27.49 -40.89
N PHE C 328 12.19 27.81 -39.77
CA PHE C 328 11.01 28.68 -39.80
C PHE C 328 11.32 30.16 -40.02
N THR C 329 12.59 30.54 -40.01
CA THR C 329 13.00 31.88 -40.46
C THR C 329 13.35 31.79 -41.95
N ILE C 330 12.62 32.54 -42.77
CA ILE C 330 12.76 32.55 -44.24
C ILE C 330 14.14 33.08 -44.62
N ARG C 331 14.94 32.19 -45.22
CA ARG C 331 16.21 32.53 -45.83
C ARG C 331 15.98 32.65 -47.32
N GLY C 332 16.68 33.60 -47.94
CA GLY C 332 16.42 33.95 -49.33
C GLY C 332 15.03 34.56 -49.48
N LEU C 333 14.46 34.42 -50.67
CA LEU C 333 13.09 34.84 -50.94
C LEU C 333 12.15 33.68 -50.67
N PRO C 334 10.85 33.96 -50.47
CA PRO C 334 9.87 32.85 -50.42
C PRO C 334 9.80 32.13 -51.77
N SER C 335 9.22 30.92 -51.78
CA SER C 335 9.02 30.17 -53.03
C SER C 335 8.28 30.98 -54.10
N ASN C 336 7.39 31.86 -53.63
CA ASN C 336 6.77 32.93 -54.44
C ASN C 336 7.71 33.74 -55.33
N ASN C 337 8.95 33.92 -54.89
CA ASN C 337 9.90 34.85 -55.49
C ASN C 337 9.43 36.31 -55.35
N SER C 338 8.69 36.59 -54.27
CA SER C 338 8.02 37.88 -54.09
C SER C 338 8.12 38.36 -52.64
N LEU C 339 8.24 39.68 -52.47
CA LEU C 339 8.19 40.32 -51.16
C LEU C 339 6.86 41.03 -50.88
N ASP C 340 5.81 40.69 -51.65
CA ASP C 340 4.45 41.22 -51.42
C ASP C 340 3.93 41.00 -50.00
N PHE C 341 4.30 39.87 -49.39
CA PHE C 341 3.90 39.55 -48.01
C PHE C 341 4.33 40.55 -46.92
N LEU C 342 5.24 41.47 -47.21
CA LEU C 342 5.67 42.49 -46.23
C LEU C 342 4.62 43.58 -46.07
#